data_6OD6
#
_entry.id   6OD6
#
_cell.length_a   232.398
_cell.length_b   100.391
_cell.length_c   64.606
_cell.angle_alpha   90.00
_cell.angle_beta   103.67
_cell.angle_gamma   90.00
#
_symmetry.space_group_name_H-M   'C 1 2 1'
#
loop_
_entity.id
_entity.type
_entity.pdbx_description
1 polymer 'Beta-secretase 1'
2 non-polymer N-{3-[(3R)-1-amino-3-methyl-3,4-dihydropyrrolo[1,2-a]pyrazin-3-yl]-4-fluorophenyl}-5-cyanopyridine-2-carboxamide
3 non-polymer GLYCEROL
4 water water
#
_entity_poly.entity_id   1
_entity_poly.type   'polypeptide(L)'
_entity_poly.pdbx_seq_one_letter_code
;MHHHHHHTQHGIRLPLRSGLGGAPLGLRLPRETDEEPEEPGTTGSFVEMVDNLRGKSGQGYYVEMTVGSPPQTLNILVDT
GSSNFAVGAAPHPFLHRYYQRQLSSTYRDLRKGVYVPYTQGKWEGELGTDLVSIPHGPNVTVRANIAAITESDKFFINGS
NWEGILGLAYAEIARPDDSLEPFFDSLVKQTHVPNLFSLQLCGAGFPLNQSEVLASVGGSMIIGGIDHSLYTGSLWYTPI
RREWYYEVIIVRVEINGQDLKMDCKEYNYDKSIVDSGTTNLRLPKKVFEAAVKSIKAASSTEKFPDGFWLGEQLVCWQAG
TTPWNIFPVISLYLMGEVTNQSFRITILPQQYLRPVEDVATSQDDCYKFAISQSSTGTVMGAVIMEGFYVVFDRARKRIG
FAVSACHVHDEFRTAAVEGPFVTLDMEDCGYN
;
_entity_poly.pdbx_strand_id   A,B,C
#
loop_
_chem_comp.id
_chem_comp.type
_chem_comp.name
_chem_comp.formula
GOL non-polymer GLYCEROL 'C3 H8 O3'
M7D non-polymer N-{3-[(3R)-1-amino-3-methyl-3,4-dihydropyrrolo[1,2-a]pyrazin-3-yl]-4-fluorophenyl}-5-cyanopyridine-2-carboxamide 'C21 H17 F N6 O'
#
# COMPACT_ATOMS: atom_id res chain seq x y z
N THR A 42 13.24 7.46 -15.22
CA THR A 42 12.17 6.55 -14.82
C THR A 42 12.60 5.70 -13.63
N THR A 43 13.91 5.54 -13.47
CA THR A 43 14.48 4.87 -12.31
C THR A 43 15.55 5.78 -11.70
N GLY A 44 16.10 5.35 -10.57
CA GLY A 44 17.12 6.16 -9.92
C GLY A 44 17.51 5.61 -8.56
N SER A 45 17.89 6.53 -7.68
CA SER A 45 18.37 6.19 -6.35
C SER A 45 17.38 6.69 -5.31
N PHE A 46 16.85 5.77 -4.51
CA PHE A 46 15.95 6.13 -3.42
C PHE A 46 16.57 5.65 -2.12
N VAL A 47 17.64 6.33 -1.72
CA VAL A 47 18.60 5.76 -0.77
C VAL A 47 18.01 5.64 0.64
N GLU A 48 17.06 6.50 0.99
CA GLU A 48 16.46 6.42 2.32
C GLU A 48 15.52 5.23 2.47
N MET A 49 15.00 4.71 1.36
CA MET A 49 14.04 3.62 1.45
C MET A 49 14.65 2.26 1.21
N VAL A 50 15.91 2.22 0.76
CA VAL A 50 16.64 0.97 0.67
C VAL A 50 16.76 0.35 2.05
N ASP A 51 16.36 -0.94 2.15
CA ASP A 51 16.52 -1.74 3.36
C ASP A 51 15.61 -1.28 4.50
N ASN A 52 14.41 -0.79 4.17
CA ASN A 52 13.48 -0.32 5.20
C ASN A 52 12.51 -1.40 5.66
N LEU A 53 12.60 -2.62 5.14
CA LEU A 53 11.69 -3.68 5.57
C LEU A 53 12.41 -4.70 6.45
N ARG A 54 11.69 -5.19 7.47
CA ARG A 54 12.18 -6.24 8.33
C ARG A 54 11.10 -7.29 8.50
N GLY A 55 11.48 -8.43 9.09
CA GLY A 55 10.51 -9.43 9.43
C GLY A 55 11.15 -10.63 10.09
N LYS A 56 10.31 -11.42 10.76
CA LYS A 56 10.71 -12.72 11.25
C LYS A 56 10.38 -13.76 10.19
N SER A 57 11.25 -14.75 10.04
CA SER A 57 11.08 -15.77 9.03
C SER A 57 9.72 -16.44 9.13
N GLY A 58 8.84 -16.18 8.15
CA GLY A 58 7.56 -16.83 8.07
C GLY A 58 6.39 -16.10 8.69
N GLN A 59 6.56 -14.84 9.09
CA GLN A 59 5.52 -14.13 9.81
C GLN A 59 5.15 -12.78 9.23
N GLY A 60 5.86 -12.28 8.22
CA GLY A 60 5.44 -11.07 7.55
C GLY A 60 6.50 -9.98 7.43
N TYR A 61 6.50 -9.27 6.31
CA TYR A 61 7.40 -8.15 6.09
C TYR A 61 6.72 -6.86 6.53
N TYR A 62 7.40 -6.09 7.38
CA TYR A 62 6.81 -4.88 7.95
C TYR A 62 7.71 -3.68 7.77
N VAL A 63 7.07 -2.51 7.69
CA VAL A 63 7.74 -1.24 7.57
C VAL A 63 7.40 -0.42 8.81
N GLU A 64 8.35 0.41 9.24
CA GLU A 64 8.09 1.29 10.37
C GLU A 64 7.29 2.50 9.90
N MET A 65 6.27 2.85 10.66
CA MET A 65 5.45 4.03 10.39
C MET A 65 5.15 4.74 11.71
N THR A 66 4.80 6.02 11.60
CA THR A 66 4.34 6.80 12.75
C THR A 66 2.93 7.31 12.48
N VAL A 67 2.11 7.31 13.53
CA VAL A 67 0.76 7.84 13.47
C VAL A 67 0.58 8.85 14.60
N GLY A 68 -0.09 9.96 14.30
CA GLY A 68 -0.49 10.89 15.33
C GLY A 68 0.52 12.00 15.59
N SER A 69 0.13 12.87 16.52
CA SER A 69 0.94 14.02 16.92
C SER A 69 0.90 14.13 18.44
N PRO A 70 2.04 13.97 19.13
CA PRO A 70 3.37 13.64 18.58
C PRO A 70 3.41 12.22 18.01
N PRO A 71 4.42 11.87 17.21
CA PRO A 71 4.33 10.64 16.42
C PRO A 71 4.45 9.40 17.29
N GLN A 72 3.59 8.42 17.04
CA GLN A 72 3.62 7.13 17.70
C GLN A 72 4.14 6.09 16.73
N THR A 73 5.26 5.47 17.06
CA THR A 73 5.91 4.51 16.18
C THR A 73 5.23 3.15 16.24
N LEU A 74 5.05 2.55 15.06
CA LEU A 74 4.47 1.21 14.95
C LEU A 74 5.10 0.48 13.77
N ASN A 75 5.20 -0.85 13.89
CA ASN A 75 5.58 -1.71 12.79
C ASN A 75 4.33 -2.20 12.08
N ILE A 76 4.30 -2.07 10.75
CA ILE A 76 3.08 -2.25 9.96
C ILE A 76 3.35 -3.22 8.82
N LEU A 77 2.52 -4.26 8.72
CA LEU A 77 2.70 -5.28 7.69
C LEU A 77 2.45 -4.73 6.30
N VAL A 78 3.37 -4.99 5.38
CA VAL A 78 3.22 -4.55 3.99
C VAL A 78 2.43 -5.61 3.24
N ASP A 79 1.27 -5.21 2.71
CA ASP A 79 0.26 -6.17 2.28
C ASP A 79 -0.41 -5.69 1.00
N THR A 80 -0.02 -6.27 -0.14
CA THR A 80 -0.63 -5.92 -1.41
C THR A 80 -1.95 -6.64 -1.65
N GLY A 81 -2.38 -7.49 -0.72
CA GLY A 81 -3.61 -8.24 -0.89
C GLY A 81 -4.78 -7.70 -0.10
N SER A 82 -4.66 -6.48 0.42
CA SER A 82 -5.76 -5.86 1.15
C SER A 82 -5.66 -4.35 0.95
N SER A 83 -6.64 -3.62 1.51
CA SER A 83 -6.74 -2.21 1.21
C SER A 83 -7.04 -1.31 2.41
N ASN A 84 -6.97 -1.83 3.63
CA ASN A 84 -7.16 -1.01 4.83
C ASN A 84 -5.84 -0.74 5.52
N PHE A 85 -5.72 0.45 6.10
CA PHE A 85 -4.66 0.78 7.05
C PHE A 85 -5.26 0.52 8.42
N ALA A 86 -4.95 -0.63 8.99
CA ALA A 86 -5.51 -1.06 10.26
C ALA A 86 -4.37 -1.21 11.27
N VAL A 87 -4.53 -0.60 12.44
CA VAL A 87 -3.50 -0.61 13.47
C VAL A 87 -4.13 -1.02 14.79
N GLY A 88 -3.42 -1.82 15.57
CA GLY A 88 -3.85 -2.16 16.91
C GLY A 88 -3.99 -0.89 17.74
N ALA A 89 -5.12 -0.75 18.43
CA ALA A 89 -5.37 0.47 19.18
C ALA A 89 -5.96 0.19 20.56
N ALA A 90 -5.77 -1.02 21.08
CA ALA A 90 -6.15 -1.40 22.42
C ALA A 90 -5.23 -2.54 22.84
N PRO A 91 -5.07 -2.77 24.14
CA PRO A 91 -4.13 -3.81 24.58
C PRO A 91 -4.51 -5.18 24.03
N HIS A 92 -3.48 -6.03 23.89
CA HIS A 92 -3.61 -7.38 23.38
C HIS A 92 -2.35 -8.12 23.80
N PRO A 93 -2.44 -9.37 24.22
CA PRO A 93 -1.24 -10.07 24.70
C PRO A 93 -0.11 -10.14 23.69
N PHE A 94 -0.39 -10.11 22.40
CA PHE A 94 0.67 -10.19 21.39
C PHE A 94 1.19 -8.82 20.96
N LEU A 95 0.54 -7.73 21.37
CA LEU A 95 0.97 -6.38 21.02
C LEU A 95 1.72 -5.77 22.20
N HIS A 96 2.94 -5.30 21.94
CA HIS A 96 3.70 -4.59 22.96
C HIS A 96 3.60 -3.08 22.83
N ARG A 97 2.93 -2.59 21.81
CA ARG A 97 2.54 -1.19 21.71
C ARG A 97 1.33 -1.10 20.79
N TYR A 98 0.60 0.02 20.90
CA TYR A 98 -0.59 0.19 20.09
C TYR A 98 -0.90 1.67 19.94
N TYR A 99 -1.82 1.97 19.03
CA TYR A 99 -2.19 3.34 18.69
C TYR A 99 -3.09 3.91 19.79
N GLN A 100 -2.61 4.94 20.47
CA GLN A 100 -3.37 5.58 21.56
C GLN A 100 -3.95 6.88 21.03
N ARG A 101 -5.22 6.85 20.63
CA ARG A 101 -5.83 8.00 19.98
C ARG A 101 -5.94 9.19 20.92
N GLN A 102 -6.08 8.94 22.23
CA GLN A 102 -6.27 10.06 23.14
C GLN A 102 -5.01 10.88 23.34
N LEU A 103 -3.85 10.37 22.93
CA LEU A 103 -2.60 11.11 23.02
C LEU A 103 -2.25 11.85 21.74
N SER A 104 -3.10 11.82 20.73
CA SER A 104 -2.81 12.45 19.45
C SER A 104 -3.69 13.68 19.27
N SER A 105 -3.04 14.84 19.17
CA SER A 105 -3.77 16.08 18.97
C SER A 105 -4.39 16.20 17.58
N THR A 106 -3.93 15.39 16.62
CA THR A 106 -4.43 15.45 15.26
C THR A 106 -5.45 14.36 14.95
N TYR A 107 -5.85 13.55 15.93
CA TYR A 107 -6.82 12.50 15.71
C TYR A 107 -8.21 13.09 15.47
N ARG A 108 -8.93 12.51 14.51
CA ARG A 108 -10.32 12.89 14.25
C ARG A 108 -11.16 11.63 14.15
N ASP A 109 -12.16 11.52 15.03
CA ASP A 109 -13.03 10.36 15.09
C ASP A 109 -14.07 10.43 13.97
N LEU A 110 -14.08 9.42 13.09
CA LEU A 110 -15.07 9.36 12.03
C LEU A 110 -16.41 8.80 12.50
N ARG A 111 -16.48 8.29 13.73
CA ARG A 111 -17.73 7.88 14.37
C ARG A 111 -18.46 6.82 13.55
N LYS A 112 -17.75 5.72 13.29
CA LYS A 112 -18.31 4.60 12.54
C LYS A 112 -17.44 3.38 12.76
N GLY A 113 -18.06 2.27 13.12
CA GLY A 113 -17.33 1.04 13.32
C GLY A 113 -17.06 0.31 12.01
N VAL A 114 -16.20 -0.69 12.09
CA VAL A 114 -15.94 -1.57 10.95
C VAL A 114 -15.60 -2.96 11.49
N TYR A 115 -16.11 -3.97 10.81
CA TYR A 115 -15.92 -5.37 11.19
C TYR A 115 -15.39 -6.11 9.98
N VAL A 116 -14.22 -6.73 10.13
CA VAL A 116 -13.52 -7.37 9.03
C VAL A 116 -13.24 -8.82 9.40
N PRO A 117 -14.03 -9.76 8.90
CA PRO A 117 -13.71 -11.18 9.07
C PRO A 117 -12.87 -11.71 7.91
N TYR A 118 -11.94 -12.59 8.25
CA TYR A 118 -11.18 -13.34 7.26
C TYR A 118 -11.53 -14.81 7.41
N THR A 119 -10.92 -15.65 6.57
CA THR A 119 -11.17 -17.08 6.65
C THR A 119 -10.70 -17.63 7.99
N GLN A 120 -9.50 -17.26 8.41
CA GLN A 120 -8.96 -17.64 9.72
C GLN A 120 -8.53 -16.35 10.42
N GLY A 121 -9.40 -15.82 11.26
CA GLY A 121 -9.13 -14.57 11.94
C GLY A 121 -10.14 -13.48 11.64
N LYS A 122 -10.21 -12.48 12.52
CA LYS A 122 -11.15 -11.37 12.34
C LYS A 122 -10.75 -10.24 13.26
N TRP A 123 -11.18 -9.03 12.92
CA TRP A 123 -10.99 -7.89 13.82
C TRP A 123 -12.12 -6.89 13.64
N GLU A 124 -12.27 -6.05 14.65
CA GLU A 124 -13.29 -5.03 14.70
C GLU A 124 -12.64 -3.73 15.17
N GLY A 125 -13.12 -2.61 14.65
CA GLY A 125 -12.44 -1.37 14.98
C GLY A 125 -13.30 -0.14 14.75
N GLU A 126 -12.69 1.00 15.00
CA GLU A 126 -13.36 2.30 14.92
C GLU A 126 -12.63 3.18 13.92
N LEU A 127 -13.39 3.73 12.97
CA LEU A 127 -12.82 4.50 11.87
C LEU A 127 -12.51 5.93 12.29
N GLY A 128 -11.41 6.45 11.78
CA GLY A 128 -10.96 7.80 12.07
C GLY A 128 -9.85 8.17 11.13
N THR A 129 -9.24 9.32 11.37
CA THR A 129 -8.09 9.77 10.58
C THR A 129 -7.00 10.27 11.52
N ASP A 130 -5.75 10.20 11.05
CA ASP A 130 -4.64 10.86 11.71
C ASP A 130 -3.57 11.17 10.68
N LEU A 131 -2.59 11.98 11.10
CA LEU A 131 -1.41 12.20 10.28
C LEU A 131 -0.50 10.97 10.33
N VAL A 132 0.07 10.60 9.19
CA VAL A 132 0.81 9.35 9.07
C VAL A 132 2.11 9.62 8.32
N SER A 133 3.21 9.02 8.80
CA SER A 133 4.50 9.14 8.15
C SER A 133 5.16 7.77 8.05
N ILE A 134 6.15 7.69 7.17
CA ILE A 134 7.06 6.56 7.08
C ILE A 134 8.47 7.06 7.27
N PRO A 135 9.05 6.90 8.47
CA PRO A 135 10.36 7.50 8.75
C PRO A 135 11.43 7.14 7.72
N HIS A 136 11.52 5.89 7.29
CA HIS A 136 12.43 5.51 6.21
C HIS A 136 11.64 5.43 4.91
N GLY A 137 11.12 6.60 4.50
CA GLY A 137 10.19 6.66 3.39
C GLY A 137 10.35 7.88 2.51
N PRO A 138 9.23 8.35 1.95
CA PRO A 138 9.28 9.45 0.97
C PRO A 138 9.31 10.84 1.55
N ASN A 139 9.47 10.99 2.87
CA ASN A 139 9.72 12.28 3.50
C ASN A 139 8.50 13.20 3.41
N VAL A 140 7.30 12.62 3.51
CA VAL A 140 6.07 13.40 3.53
C VAL A 140 5.14 12.84 4.60
N THR A 141 4.29 13.72 5.14
CA THR A 141 3.29 13.35 6.13
C THR A 141 1.92 13.63 5.53
N VAL A 142 1.04 12.62 5.59
CA VAL A 142 -0.29 12.72 4.99
C VAL A 142 -1.34 12.33 6.01
N ARG A 143 -2.53 12.93 5.87
N ARG A 143 -2.52 12.91 5.84
CA ARG A 143 -3.67 12.52 6.65
CA ARG A 143 -3.69 12.53 6.62
C ARG A 143 -4.35 11.35 5.94
C ARG A 143 -4.36 11.35 5.94
N ALA A 144 -4.59 10.26 6.68
CA ALA A 144 -5.09 9.03 6.10
C ALA A 144 -6.15 8.42 7.00
N ASN A 145 -7.03 7.62 6.39
CA ASN A 145 -7.98 6.84 7.16
C ASN A 145 -7.27 5.77 7.96
N ILE A 146 -7.73 5.54 9.19
CA ILE A 146 -7.12 4.57 10.08
C ILE A 146 -8.23 3.77 10.76
N ALA A 147 -8.18 2.45 10.64
CA ALA A 147 -9.06 1.56 11.39
C ALA A 147 -8.35 1.19 12.69
N ALA A 148 -8.78 1.81 13.78
CA ALA A 148 -8.21 1.56 15.11
C ALA A 148 -8.79 0.27 15.66
N ILE A 149 -7.99 -0.79 15.70
CA ILE A 149 -8.48 -2.12 16.05
C ILE A 149 -8.66 -2.21 17.56
N THR A 150 -9.90 -2.41 18.00
CA THR A 150 -10.22 -2.48 19.41
C THR A 150 -10.51 -3.89 19.90
N GLU A 151 -10.78 -4.84 18.99
CA GLU A 151 -11.09 -6.20 19.35
C GLU A 151 -10.73 -7.11 18.19
N SER A 152 -10.21 -8.29 18.49
CA SER A 152 -9.75 -9.18 17.43
C SER A 152 -9.62 -10.60 17.97
N ASP A 153 -9.53 -11.55 17.04
CA ASP A 153 -9.36 -12.96 17.36
C ASP A 153 -8.57 -13.61 16.23
N LYS A 154 -7.44 -14.24 16.59
CA LYS A 154 -6.62 -14.98 15.64
C LYS A 154 -6.18 -14.09 14.47
N PHE A 155 -5.90 -12.83 14.76
CA PHE A 155 -5.43 -11.88 13.75
C PHE A 155 -3.98 -11.46 14.00
N PHE A 156 -3.70 -10.89 15.16
CA PHE A 156 -2.32 -10.61 15.53
C PHE A 156 -1.58 -11.92 15.80
N ILE A 157 -0.35 -12.01 15.31
CA ILE A 157 0.47 -13.21 15.45
C ILE A 157 1.46 -13.01 16.58
N ASN A 158 1.51 -13.97 17.49
CA ASN A 158 2.46 -13.92 18.60
C ASN A 158 3.89 -13.95 18.08
N GLY A 159 4.64 -12.89 18.35
CA GLY A 159 6.03 -12.82 17.96
C GLY A 159 6.30 -12.25 16.58
N SER A 160 5.26 -11.78 15.88
CA SER A 160 5.45 -11.27 14.52
C SER A 160 6.11 -9.89 14.49
N ASN A 161 6.04 -9.16 15.60
CA ASN A 161 6.63 -7.83 15.74
C ASN A 161 5.96 -6.78 14.84
N TRP A 162 4.79 -7.07 14.28
CA TRP A 162 4.01 -6.02 13.63
C TRP A 162 2.72 -5.77 14.40
N GLU A 163 2.35 -4.50 14.51
CA GLU A 163 1.19 -4.07 15.27
C GLU A 163 0.03 -3.61 14.38
N GLY A 164 0.16 -3.74 13.07
CA GLY A 164 -0.90 -3.34 12.16
C GLY A 164 -0.57 -3.76 10.75
N ILE A 165 -1.44 -3.37 9.82
CA ILE A 165 -1.31 -3.78 8.42
C ILE A 165 -1.51 -2.57 7.52
N LEU A 166 -0.66 -2.45 6.50
CA LEU A 166 -0.80 -1.42 5.47
C LEU A 166 -1.31 -2.11 4.21
N GLY A 167 -2.61 -2.00 3.96
CA GLY A 167 -3.20 -2.57 2.77
C GLY A 167 -2.98 -1.69 1.56
N LEU A 168 -2.20 -2.16 0.59
CA LEU A 168 -1.79 -1.36 -0.55
C LEU A 168 -2.61 -1.62 -1.81
N ALA A 169 -3.66 -2.43 -1.74
CA ALA A 169 -4.49 -2.69 -2.90
C ALA A 169 -5.49 -1.55 -3.07
N TYR A 170 -6.49 -1.75 -3.93
CA TYR A 170 -7.37 -0.68 -4.38
C TYR A 170 -8.62 -0.59 -3.52
N ALA A 171 -9.38 0.49 -3.74
CA ALA A 171 -10.51 0.79 -2.85
C ALA A 171 -11.61 -0.26 -2.97
N GLU A 172 -11.68 -0.97 -4.11
CA GLU A 172 -12.80 -1.86 -4.38
C GLU A 172 -12.94 -2.95 -3.31
N ILE A 173 -11.84 -3.28 -2.63
CA ILE A 173 -11.89 -4.28 -1.58
C ILE A 173 -11.62 -3.69 -0.20
N ALA A 174 -11.70 -2.36 -0.07
CA ALA A 174 -11.58 -1.75 1.24
C ALA A 174 -12.85 -2.03 2.06
N ARG A 175 -12.67 -2.25 3.36
CA ARG A 175 -13.80 -2.39 4.27
C ARG A 175 -14.01 -1.09 5.03
N PRO A 176 -15.26 -0.66 5.28
CA PRO A 176 -16.51 -1.34 4.95
C PRO A 176 -16.91 -1.30 3.47
N ASP A 177 -16.43 -0.31 2.72
CA ASP A 177 -16.69 -0.23 1.28
C ASP A 177 -15.66 0.70 0.62
N ASP A 178 -15.88 0.99 -0.66
CA ASP A 178 -14.93 1.72 -1.50
C ASP A 178 -14.93 3.22 -1.25
N SER A 179 -15.76 3.72 -0.32
CA SER A 179 -15.71 5.12 0.04
C SER A 179 -14.59 5.43 1.02
N LEU A 180 -14.03 4.41 1.66
CA LEU A 180 -12.88 4.55 2.55
C LEU A 180 -11.62 4.47 1.70
N GLU A 181 -11.03 5.63 1.43
CA GLU A 181 -9.87 5.73 0.57
C GLU A 181 -8.67 5.03 1.22
N PRO A 182 -7.95 4.15 0.50
CA PRO A 182 -6.80 3.49 1.08
C PRO A 182 -5.65 4.47 1.29
N PHE A 183 -4.62 3.99 1.99
CA PHE A 183 -3.51 4.87 2.34
C PHE A 183 -2.81 5.42 1.11
N PHE A 184 -2.48 4.56 0.15
CA PHE A 184 -1.67 5.00 -0.96
C PHE A 184 -2.41 5.97 -1.85
N ASP A 185 -3.72 5.76 -2.06
CA ASP A 185 -4.52 6.74 -2.78
C ASP A 185 -4.40 8.11 -2.13
N SER A 186 -4.48 8.17 -0.81
CA SER A 186 -4.40 9.44 -0.12
C SER A 186 -3.01 10.06 -0.21
N LEU A 187 -1.97 9.23 -0.12
CA LEU A 187 -0.60 9.73 -0.19
C LEU A 187 -0.32 10.40 -1.52
N VAL A 188 -0.77 9.78 -2.62
CA VAL A 188 -0.51 10.33 -3.94
C VAL A 188 -1.29 11.62 -4.15
N LYS A 189 -2.54 11.66 -3.72
CA LYS A 189 -3.35 12.86 -3.92
C LYS A 189 -2.80 14.04 -3.13
N GLN A 190 -2.27 13.80 -1.94
CA GLN A 190 -1.88 14.90 -1.05
C GLN A 190 -0.46 15.38 -1.32
N THR A 191 0.37 14.56 -1.94
CA THR A 191 1.77 14.90 -2.20
C THR A 191 2.05 14.86 -3.70
N HIS A 192 3.33 15.01 -4.04
CA HIS A 192 3.79 14.88 -5.41
C HIS A 192 4.41 13.51 -5.68
N VAL A 193 4.11 12.52 -4.85
CA VAL A 193 4.70 11.19 -4.99
C VAL A 193 4.11 10.51 -6.22
N PRO A 194 4.93 9.97 -7.13
CA PRO A 194 4.38 9.26 -8.29
C PRO A 194 3.53 8.07 -7.88
N ASN A 195 2.49 7.82 -8.66
CA ASN A 195 1.51 6.76 -8.38
C ASN A 195 2.12 5.40 -8.68
N LEU A 196 3.08 5.01 -7.84
CA LEU A 196 3.86 3.80 -8.06
C LEU A 196 4.58 3.43 -6.77
N PHE A 197 4.66 2.14 -6.48
CA PHE A 197 5.56 1.64 -5.45
C PHE A 197 6.15 0.32 -5.93
N SER A 198 7.25 -0.08 -5.31
CA SER A 198 7.97 -1.28 -5.69
C SER A 198 8.45 -2.00 -4.45
N LEU A 199 8.47 -3.33 -4.52
CA LEU A 199 8.78 -4.17 -3.37
C LEU A 199 9.93 -5.12 -3.71
N GLN A 200 10.95 -5.13 -2.85
CA GLN A 200 12.01 -6.13 -2.89
C GLN A 200 12.00 -6.87 -1.57
N LEU A 201 11.50 -8.10 -1.55
CA LEU A 201 11.50 -8.96 -0.37
C LEU A 201 12.62 -9.97 -0.49
N CYS A 202 13.53 -9.99 0.49
CA CYS A 202 14.79 -10.69 0.30
C CYS A 202 14.78 -12.14 0.80
N GLY A 203 14.12 -12.41 1.92
CA GLY A 203 14.11 -13.76 2.45
C GLY A 203 15.38 -14.03 3.23
N ALA A 204 16.07 -15.12 2.88
CA ALA A 204 17.30 -15.48 3.58
C ALA A 204 18.47 -14.62 3.10
N SER A 216 14.74 -11.75 11.01
CA SER A 216 15.75 -12.35 10.14
C SER A 216 15.66 -11.85 8.69
N VAL A 217 14.45 -11.80 8.13
CA VAL A 217 14.31 -11.40 6.74
C VAL A 217 14.31 -9.87 6.65
N GLY A 218 14.52 -9.36 5.44
CA GLY A 218 14.58 -7.95 5.19
C GLY A 218 14.18 -7.64 3.77
N GLY A 219 14.21 -6.36 3.42
CA GLY A 219 13.89 -5.95 2.06
C GLY A 219 13.68 -4.45 1.97
N SER A 220 13.02 -4.04 0.88
CA SER A 220 12.82 -2.63 0.56
C SER A 220 11.41 -2.40 0.03
N MET A 221 10.78 -1.31 0.48
CA MET A 221 9.57 -0.78 -0.13
C MET A 221 9.88 0.63 -0.62
N ILE A 222 10.03 0.79 -1.93
CA ILE A 222 10.33 2.09 -2.52
C ILE A 222 9.01 2.76 -2.83
N ILE A 223 8.69 3.81 -2.08
CA ILE A 223 7.46 4.56 -2.29
C ILE A 223 7.71 5.61 -3.35
N GLY A 224 6.97 5.54 -4.45
CA GLY A 224 7.06 6.54 -5.49
C GLY A 224 8.14 6.33 -6.53
N GLY A 225 8.77 5.17 -6.58
CA GLY A 225 9.83 5.04 -7.55
C GLY A 225 10.31 3.62 -7.75
N ILE A 226 11.31 3.49 -8.62
CA ILE A 226 11.99 2.24 -8.94
C ILE A 226 13.46 2.46 -8.66
N ASP A 227 14.02 1.73 -7.71
CA ASP A 227 15.43 1.86 -7.35
C ASP A 227 16.26 0.93 -8.23
N HIS A 228 17.22 1.51 -8.96
CA HIS A 228 17.97 0.76 -9.96
C HIS A 228 18.91 -0.27 -9.32
N SER A 229 19.27 -0.06 -8.06
CA SER A 229 20.25 -0.93 -7.42
C SER A 229 19.65 -2.22 -6.87
N LEU A 230 18.33 -2.36 -6.89
CA LEU A 230 17.67 -3.53 -6.32
C LEU A 230 17.36 -4.61 -7.35
N TYR A 231 17.74 -4.44 -8.61
CA TYR A 231 17.50 -5.47 -9.61
C TYR A 231 18.62 -5.47 -10.65
N THR A 232 18.69 -6.56 -11.41
CA THR A 232 19.55 -6.68 -12.57
C THR A 232 18.71 -7.10 -13.76
N GLY A 233 19.23 -6.83 -14.96
CA GLY A 233 18.46 -7.24 -16.13
C GLY A 233 17.32 -6.29 -16.44
N SER A 234 16.40 -6.79 -17.26
CA SER A 234 15.27 -5.98 -17.71
C SER A 234 14.10 -6.10 -16.75
N LEU A 235 13.28 -5.06 -16.72
CA LEU A 235 11.98 -5.09 -16.06
C LEU A 235 10.94 -5.48 -17.09
N TRP A 236 10.20 -6.55 -16.83
CA TRP A 236 9.15 -7.01 -17.72
C TRP A 236 7.79 -6.81 -17.06
N TYR A 237 6.87 -6.19 -17.79
CA TYR A 237 5.61 -5.70 -17.24
C TYR A 237 4.44 -6.52 -17.77
N THR A 238 3.56 -6.94 -16.87
CA THR A 238 2.29 -7.56 -17.14
C THR A 238 1.15 -6.62 -16.76
N PRO A 239 0.05 -6.64 -17.50
CA PRO A 239 -1.05 -5.72 -17.19
C PRO A 239 -1.75 -6.07 -15.88
N ILE A 240 -2.16 -5.03 -15.16
CA ILE A 240 -3.11 -5.19 -14.07
C ILE A 240 -4.48 -5.36 -14.73
N ARG A 241 -5.05 -6.56 -14.61
CA ARG A 241 -6.28 -6.87 -15.33
C ARG A 241 -7.46 -6.06 -14.83
N ARG A 242 -7.61 -5.94 -13.50
CA ARG A 242 -8.69 -5.16 -12.91
C ARG A 242 -8.17 -4.53 -11.63
N GLU A 243 -8.59 -3.30 -11.37
CA GLU A 243 -8.10 -2.57 -10.19
C GLU A 243 -8.94 -2.95 -8.99
N TRP A 244 -8.59 -4.07 -8.34
CA TRP A 244 -9.13 -4.39 -7.02
C TRP A 244 -8.04 -5.02 -6.19
N TYR A 245 -7.88 -6.34 -6.27
CA TYR A 245 -6.57 -6.89 -6.01
C TYR A 245 -5.64 -6.48 -7.15
N TYR A 246 -4.36 -6.82 -7.02
CA TYR A 246 -3.45 -6.67 -8.15
C TYR A 246 -3.55 -7.94 -8.98
N GLU A 247 -4.52 -7.95 -9.90
CA GLU A 247 -4.85 -9.15 -10.64
C GLU A 247 -4.05 -9.20 -11.94
N VAL A 248 -3.46 -10.37 -12.20
CA VAL A 248 -2.66 -10.61 -13.40
C VAL A 248 -3.21 -11.84 -14.10
N ILE A 249 -2.60 -12.21 -15.23
CA ILE A 249 -3.03 -13.36 -16.01
C ILE A 249 -1.81 -14.25 -16.25
N ILE A 250 -1.90 -15.50 -15.81
CA ILE A 250 -0.88 -16.49 -16.13
C ILE A 250 -1.28 -17.20 -17.42
N VAL A 251 -0.34 -17.31 -18.36
CA VAL A 251 -0.66 -17.93 -19.65
C VAL A 251 0.03 -19.26 -19.86
N ARG A 252 1.01 -19.63 -19.02
CA ARG A 252 1.73 -20.89 -19.18
C ARG A 252 2.53 -21.17 -17.92
N VAL A 253 2.66 -22.46 -17.59
CA VAL A 253 3.40 -22.90 -16.42
C VAL A 253 4.33 -24.04 -16.82
N GLU A 254 5.58 -23.99 -16.36
CA GLU A 254 6.56 -25.04 -16.60
C GLU A 254 7.19 -25.49 -15.29
N ILE A 255 7.61 -26.74 -15.25
CA ILE A 255 8.43 -27.28 -14.18
C ILE A 255 9.71 -27.81 -14.82
N ASN A 256 10.83 -27.12 -14.58
CA ASN A 256 12.11 -27.46 -15.21
C ASN A 256 11.96 -27.54 -16.72
N GLY A 257 11.24 -26.57 -17.30
CA GLY A 257 11.03 -26.52 -18.72
C GLY A 257 9.87 -27.35 -19.23
N GLN A 258 9.36 -28.29 -18.44
CA GLN A 258 8.31 -29.19 -18.90
C GLN A 258 6.95 -28.53 -18.72
N ASP A 259 6.22 -28.37 -19.83
CA ASP A 259 4.91 -27.75 -19.80
C ASP A 259 3.94 -28.54 -18.94
N LEU A 260 3.23 -27.86 -18.04
CA LEU A 260 2.22 -28.52 -17.22
C LEU A 260 1.00 -28.91 -18.05
N LYS A 261 0.70 -28.14 -19.11
CA LYS A 261 -0.16 -28.58 -20.22
C LYS A 261 -1.64 -28.65 -19.82
N MET A 262 -2.17 -27.54 -19.31
CA MET A 262 -3.58 -27.44 -18.98
C MET A 262 -4.23 -26.30 -19.76
N ASP A 263 -5.55 -26.29 -19.78
CA ASP A 263 -6.27 -25.12 -20.24
C ASP A 263 -5.81 -23.93 -19.41
N CYS A 264 -5.33 -22.87 -20.07
CA CYS A 264 -4.71 -21.78 -19.32
C CYS A 264 -5.71 -21.03 -18.46
N LYS A 265 -7.02 -21.23 -18.64
CA LYS A 265 -7.97 -20.68 -17.68
C LYS A 265 -7.82 -21.28 -16.30
N GLU A 266 -7.39 -22.55 -16.22
CA GLU A 266 -7.23 -23.20 -14.92
C GLU A 266 -6.19 -22.48 -14.07
N TYR A 267 -5.18 -21.89 -14.71
CA TYR A 267 -4.18 -21.13 -13.95
C TYR A 267 -4.76 -19.87 -13.32
N ASN A 268 -5.88 -19.36 -13.83
CA ASN A 268 -6.45 -18.10 -13.36
C ASN A 268 -7.90 -18.25 -12.89
N TYR A 269 -8.25 -19.43 -12.36
CA TYR A 269 -9.60 -19.66 -11.84
C TYR A 269 -9.55 -19.60 -10.32
N ASP A 270 -10.24 -18.62 -9.74
CA ASP A 270 -11.07 -17.68 -10.49
C ASP A 270 -10.40 -16.32 -10.64
N LYS A 271 -9.16 -16.24 -10.15
CA LYS A 271 -8.34 -15.04 -10.31
C LYS A 271 -6.90 -15.39 -9.98
N SER A 272 -5.99 -14.55 -10.46
CA SER A 272 -4.57 -14.65 -10.15
C SER A 272 -4.11 -13.30 -9.63
N ILE A 273 -3.58 -13.27 -8.41
CA ILE A 273 -3.21 -12.02 -7.77
C ILE A 273 -1.80 -12.11 -7.22
N VAL A 274 -1.22 -10.95 -6.94
CA VAL A 274 0.13 -10.79 -6.40
C VAL A 274 -0.03 -10.23 -4.99
N ASP A 275 0.35 -11.01 -3.98
CA ASP A 275 -0.02 -10.73 -2.60
C ASP A 275 1.18 -10.87 -1.67
N SER A 276 1.71 -9.74 -1.20
CA SER A 276 2.81 -9.77 -0.25
C SER A 276 2.37 -10.18 1.15
N GLY A 277 1.07 -10.29 1.40
CA GLY A 277 0.55 -10.75 2.68
C GLY A 277 0.33 -12.24 2.76
N THR A 278 0.88 -13.00 1.82
CA THR A 278 0.79 -14.46 1.81
C THR A 278 2.20 -15.01 1.65
N THR A 279 2.52 -16.04 2.42
CA THR A 279 3.83 -16.65 2.29
C THR A 279 3.92 -17.46 1.00
N ASN A 280 2.97 -18.36 0.79
CA ASN A 280 3.10 -19.43 -0.18
C ASN A 280 2.75 -18.98 -1.59
N LEU A 281 3.26 -19.75 -2.56
CA LEU A 281 2.66 -19.83 -3.88
C LEU A 281 1.44 -20.75 -3.76
N ARG A 282 0.26 -20.17 -3.90
CA ARG A 282 -0.99 -20.91 -3.77
C ARG A 282 -1.62 -21.09 -5.15
N LEU A 283 -2.04 -22.31 -5.45
CA LEU A 283 -2.50 -22.69 -6.76
C LEU A 283 -3.86 -23.36 -6.68
N PRO A 284 -4.71 -23.17 -7.70
CA PRO A 284 -5.99 -23.89 -7.73
C PRO A 284 -5.80 -25.39 -7.65
N LYS A 285 -6.85 -26.08 -7.20
CA LYS A 285 -6.76 -27.49 -6.86
C LYS A 285 -6.19 -28.32 -8.01
N LYS A 286 -6.72 -28.13 -9.21
CA LYS A 286 -6.26 -28.93 -10.35
C LYS A 286 -4.84 -28.56 -10.75
N VAL A 287 -4.47 -27.29 -10.60
CA VAL A 287 -3.11 -26.88 -10.94
C VAL A 287 -2.12 -27.38 -9.91
N PHE A 288 -2.49 -27.25 -8.62
CA PHE A 288 -1.61 -27.71 -7.54
C PHE A 288 -1.28 -29.19 -7.68
N GLU A 289 -2.30 -30.01 -7.97
CA GLU A 289 -2.08 -31.45 -8.09
C GLU A 289 -1.14 -31.76 -9.24
N ALA A 290 -1.33 -31.13 -10.39
CA ALA A 290 -0.41 -31.34 -11.51
C ALA A 290 0.99 -30.88 -11.18
N ALA A 291 1.12 -29.74 -10.49
CA ALA A 291 2.44 -29.20 -10.19
C ALA A 291 3.20 -30.11 -9.23
N VAL A 292 2.51 -30.64 -8.22
CA VAL A 292 3.17 -31.47 -7.22
C VAL A 292 3.67 -32.77 -7.84
N LYS A 293 2.88 -33.36 -8.75
CA LYS A 293 3.31 -34.58 -9.42
C LYS A 293 4.57 -34.34 -10.24
N SER A 294 4.65 -33.19 -10.91
CA SER A 294 5.82 -32.88 -11.73
C SER A 294 7.04 -32.59 -10.86
N ILE A 295 6.85 -31.91 -9.74
CA ILE A 295 7.97 -31.61 -8.84
C ILE A 295 8.48 -32.90 -8.20
N LYS A 296 7.58 -33.82 -7.86
CA LYS A 296 7.99 -35.12 -7.34
C LYS A 296 8.86 -35.86 -8.37
N ALA A 297 8.39 -35.91 -9.62
CA ALA A 297 9.12 -36.67 -10.63
C ALA A 297 10.50 -36.07 -10.91
N ALA A 298 10.59 -34.74 -10.91
CA ALA A 298 11.87 -34.10 -11.20
C ALA A 298 12.86 -34.30 -10.05
N SER A 299 12.37 -34.43 -8.82
CA SER A 299 13.21 -34.59 -7.64
C SER A 299 13.30 -36.03 -7.18
N SER A 300 13.07 -36.98 -8.08
CA SER A 300 12.86 -38.36 -7.66
C SER A 300 14.14 -39.08 -7.23
N THR A 301 15.29 -38.43 -7.31
CA THR A 301 16.51 -39.07 -6.79
C THR A 301 16.47 -39.18 -5.26
N GLU A 302 15.61 -38.42 -4.61
CA GLU A 302 15.34 -38.56 -3.18
C GLU A 302 13.84 -38.59 -2.96
N LYS A 303 13.38 -39.48 -2.08
CA LYS A 303 11.97 -39.61 -1.76
C LYS A 303 11.68 -38.99 -0.40
N PHE A 304 10.54 -38.32 -0.31
CA PHE A 304 10.11 -37.65 0.90
C PHE A 304 8.72 -38.11 1.31
N PRO A 305 8.38 -38.02 2.60
CA PRO A 305 7.04 -38.45 3.02
C PRO A 305 5.96 -37.60 2.37
N ASP A 306 4.78 -38.21 2.21
CA ASP A 306 3.66 -37.49 1.60
C ASP A 306 3.31 -36.22 2.37
N GLY A 307 3.57 -36.20 3.68
CA GLY A 307 3.24 -35.03 4.48
C GLY A 307 4.13 -33.83 4.17
N PHE A 308 5.32 -34.08 3.63
CA PHE A 308 6.17 -32.97 3.18
C PHE A 308 5.50 -32.20 2.07
N TRP A 309 4.94 -32.90 1.08
CA TRP A 309 4.31 -32.23 -0.04
C TRP A 309 3.01 -31.55 0.32
N LEU A 310 2.40 -31.89 1.46
CA LEU A 310 1.23 -31.18 1.96
C LEU A 310 1.59 -30.01 2.87
N GLY A 311 2.88 -29.79 3.12
CA GLY A 311 3.31 -28.71 3.98
C GLY A 311 3.18 -29.01 5.46
N GLU A 312 3.08 -30.28 5.84
CA GLU A 312 2.86 -30.66 7.23
C GLU A 312 4.09 -31.20 7.93
N GLN A 313 5.17 -31.49 7.20
CA GLN A 313 6.37 -32.07 7.80
C GLN A 313 7.61 -31.44 7.18
N LEU A 314 8.68 -31.38 7.96
CA LEU A 314 9.94 -30.80 7.52
C LEU A 314 10.89 -31.88 7.03
N VAL A 315 11.61 -31.57 5.95
CA VAL A 315 12.69 -32.42 5.46
C VAL A 315 14.01 -31.72 5.77
N CYS A 316 15.00 -32.49 6.22
CA CYS A 316 16.26 -31.93 6.72
C CYS A 316 17.44 -32.55 6.00
N TRP A 317 18.55 -31.81 6.00
CA TRP A 317 19.83 -32.32 5.52
C TRP A 317 20.92 -31.80 6.45
N GLN A 318 22.08 -32.45 6.38
CA GLN A 318 23.24 -31.97 7.12
C GLN A 318 23.57 -30.55 6.70
N ALA A 319 23.88 -29.71 7.69
CA ALA A 319 24.04 -28.28 7.46
C ALA A 319 24.99 -28.00 6.31
N GLY A 320 24.52 -27.21 5.34
CA GLY A 320 25.29 -26.88 4.17
C GLY A 320 25.20 -27.84 3.02
N THR A 321 24.58 -29.01 3.22
CA THR A 321 24.54 -30.04 2.20
C THR A 321 23.18 -30.15 1.52
N THR A 322 22.36 -29.11 1.60
CA THR A 322 21.05 -29.13 0.97
C THR A 322 21.22 -29.30 -0.54
N PRO A 323 20.61 -30.33 -1.16
CA PRO A 323 20.85 -30.63 -2.58
C PRO A 323 19.90 -29.85 -3.49
N TRP A 324 20.13 -28.55 -3.60
CA TRP A 324 19.23 -27.69 -4.37
C TRP A 324 19.06 -28.18 -5.80
N ASN A 325 20.12 -28.77 -6.38
CA ASN A 325 20.11 -29.03 -7.81
C ASN A 325 19.14 -30.16 -8.19
N ILE A 326 18.79 -31.03 -7.24
CA ILE A 326 17.87 -32.11 -7.61
C ILE A 326 16.44 -31.61 -7.67
N PHE A 327 16.15 -30.42 -7.12
CA PHE A 327 14.82 -29.84 -7.19
C PHE A 327 14.68 -28.96 -8.42
N PRO A 328 13.50 -28.96 -9.04
CA PRO A 328 13.31 -28.20 -10.28
C PRO A 328 13.05 -26.72 -10.04
N VAL A 329 13.23 -25.95 -11.10
CA VAL A 329 12.77 -24.56 -11.12
C VAL A 329 11.30 -24.53 -11.53
N ILE A 330 10.65 -23.42 -11.21
CA ILE A 330 9.23 -23.23 -11.50
C ILE A 330 9.08 -21.94 -12.27
N SER A 331 8.42 -22.02 -13.43
CA SER A 331 8.24 -20.88 -14.31
C SER A 331 6.77 -20.57 -14.48
N LEU A 332 6.41 -19.31 -14.29
CA LEU A 332 5.11 -18.79 -14.64
C LEU A 332 5.28 -17.80 -15.80
N TYR A 333 4.53 -18.00 -16.87
CA TYR A 333 4.48 -17.06 -17.98
C TYR A 333 3.35 -16.08 -17.73
N LEU A 334 3.65 -14.78 -17.78
CA LEU A 334 2.66 -13.74 -17.57
C LEU A 334 2.37 -13.01 -18.88
N MET A 335 1.13 -12.54 -19.02
CA MET A 335 0.74 -11.79 -20.21
C MET A 335 1.59 -10.53 -20.32
N GLY A 336 2.03 -10.24 -21.56
CA GLY A 336 2.87 -9.08 -21.80
C GLY A 336 2.05 -7.84 -22.11
N GLU A 337 2.77 -6.74 -22.40
CA GLU A 337 2.10 -5.50 -22.75
C GLU A 337 1.78 -5.42 -24.23
N VAL A 338 2.53 -6.14 -25.05
CA VAL A 338 2.33 -6.16 -26.49
C VAL A 338 1.44 -7.33 -26.85
N THR A 339 0.68 -7.18 -27.93
CA THR A 339 -0.16 -8.26 -28.43
C THR A 339 0.69 -9.50 -28.72
N ASN A 340 0.22 -10.64 -28.23
CA ASN A 340 0.83 -11.95 -28.48
C ASN A 340 2.23 -12.08 -27.92
N GLN A 341 2.57 -11.30 -26.91
CA GLN A 341 3.86 -11.42 -26.23
C GLN A 341 3.62 -11.78 -24.76
N SER A 342 4.45 -12.69 -24.27
CA SER A 342 4.50 -13.00 -22.84
C SER A 342 5.96 -12.98 -22.40
N PHE A 343 6.16 -12.86 -21.09
CA PHE A 343 7.46 -13.10 -20.49
C PHE A 343 7.26 -14.16 -19.41
N ARG A 344 8.36 -14.64 -18.83
CA ARG A 344 8.27 -15.67 -17.82
C ARG A 344 9.21 -15.34 -16.67
N ILE A 345 8.74 -15.63 -15.46
CA ILE A 345 9.52 -15.49 -14.24
C ILE A 345 9.76 -16.89 -13.70
N THR A 346 10.96 -17.12 -13.17
CA THR A 346 11.40 -18.45 -12.78
C THR A 346 11.98 -18.38 -11.37
N ILE A 347 11.43 -19.19 -10.47
CA ILE A 347 11.93 -19.25 -9.10
C ILE A 347 12.61 -20.60 -8.89
N LEU A 348 13.37 -20.66 -7.82
CA LEU A 348 14.21 -21.79 -7.46
C LEU A 348 13.68 -22.50 -6.22
N PRO A 349 14.19 -23.69 -5.90
CA PRO A 349 13.84 -24.32 -4.62
C PRO A 349 14.27 -23.49 -3.41
N GLN A 350 15.23 -22.58 -3.57
CA GLN A 350 15.55 -21.66 -2.49
C GLN A 350 14.39 -20.74 -2.15
N GLN A 351 13.43 -20.59 -3.07
CA GLN A 351 12.23 -19.80 -2.82
C GLN A 351 11.11 -20.64 -2.23
N TYR A 352 10.88 -21.84 -2.76
CA TYR A 352 9.72 -22.60 -2.32
C TYR A 352 10.04 -23.64 -1.25
N LEU A 353 11.30 -23.81 -0.90
CA LEU A 353 11.69 -24.58 0.29
C LEU A 353 12.06 -23.56 1.36
N ARG A 354 11.20 -23.43 2.37
CA ARG A 354 11.43 -22.29 3.26
C ARG A 354 12.07 -22.74 4.55
N PRO A 355 13.14 -22.07 4.97
CA PRO A 355 13.94 -22.55 6.11
C PRO A 355 13.20 -22.38 7.43
N VAL A 356 13.37 -23.38 8.30
CA VAL A 356 12.74 -23.39 9.61
C VAL A 356 13.80 -23.75 10.64
N GLU A 357 14.05 -22.85 11.58
CA GLU A 357 15.07 -23.07 12.59
C GLU A 357 14.64 -24.14 13.58
N THR A 361 18.18 -29.94 16.62
CA THR A 361 19.49 -30.11 16.04
C THR A 361 19.91 -28.87 15.26
N SER A 362 20.88 -28.13 15.81
CA SER A 362 21.44 -26.99 15.10
C SER A 362 22.34 -27.41 13.95
N GLN A 363 22.75 -28.68 13.92
CA GLN A 363 23.65 -29.17 12.88
C GLN A 363 22.93 -29.53 11.59
N ASP A 364 21.62 -29.30 11.51
CA ASP A 364 20.83 -29.63 10.33
C ASP A 364 20.11 -28.40 9.81
N ASP A 365 20.00 -28.29 8.48
CA ASP A 365 19.13 -27.32 7.84
C ASP A 365 17.83 -28.02 7.47
N CYS A 366 16.69 -27.46 7.90
CA CYS A 366 15.39 -28.05 7.66
C CYS A 366 14.49 -27.04 6.96
N TYR A 367 13.51 -27.56 6.20
CA TYR A 367 12.71 -26.73 5.31
C TYR A 367 11.28 -27.24 5.21
N LYS A 368 10.38 -26.32 4.89
CA LYS A 368 8.98 -26.62 4.63
C LYS A 368 8.64 -26.33 3.17
N PHE A 369 7.89 -27.23 2.56
CA PHE A 369 7.40 -27.04 1.20
C PHE A 369 6.30 -25.99 1.21
N ALA A 370 6.47 -24.93 0.40
CA ALA A 370 5.61 -23.77 0.49
C ALA A 370 4.83 -23.51 -0.80
N ILE A 371 4.46 -24.58 -1.49
CA ILE A 371 3.44 -24.53 -2.54
C ILE A 371 2.22 -25.27 -2.03
N SER A 372 1.06 -24.64 -2.12
CA SER A 372 -0.13 -25.18 -1.48
C SER A 372 -1.36 -24.88 -2.31
N GLN A 373 -2.48 -25.43 -1.87
CA GLN A 373 -3.73 -25.37 -2.61
C GLN A 373 -4.55 -24.16 -2.19
N SER A 374 -5.24 -23.57 -3.17
CA SER A 374 -6.11 -22.43 -2.94
C SER A 374 -7.49 -22.71 -3.48
N SER A 375 -8.51 -22.21 -2.78
CA SER A 375 -9.89 -22.28 -3.24
C SER A 375 -10.34 -20.98 -3.89
N THR A 376 -9.47 -19.97 -3.95
CA THR A 376 -9.84 -18.65 -4.43
C THR A 376 -8.95 -18.17 -5.56
N GLY A 377 -8.30 -19.08 -6.27
CA GLY A 377 -7.42 -18.71 -7.36
C GLY A 377 -5.96 -18.73 -6.95
N THR A 378 -5.13 -18.32 -7.91
CA THR A 378 -3.69 -18.31 -7.69
C THR A 378 -3.27 -17.11 -6.83
N VAL A 379 -2.42 -17.37 -5.85
CA VAL A 379 -1.84 -16.32 -5.02
C VAL A 379 -0.33 -16.38 -5.19
N MET A 380 0.23 -15.37 -5.84
CA MET A 380 1.68 -15.25 -5.97
C MET A 380 2.18 -14.52 -4.74
N GLY A 381 2.52 -15.30 -3.72
CA GLY A 381 2.96 -14.76 -2.44
C GLY A 381 4.45 -14.55 -2.37
N ALA A 382 4.97 -14.57 -1.14
CA ALA A 382 6.39 -14.34 -0.91
C ALA A 382 7.26 -15.35 -1.66
N VAL A 383 6.75 -16.57 -1.85
CA VAL A 383 7.49 -17.58 -2.59
C VAL A 383 7.87 -17.04 -3.96
N ILE A 384 6.91 -16.39 -4.63
CA ILE A 384 7.21 -15.76 -5.92
C ILE A 384 8.02 -14.48 -5.71
N MET A 385 7.51 -13.57 -4.88
CA MET A 385 8.06 -12.22 -4.80
C MET A 385 9.51 -12.20 -4.33
N GLU A 386 9.93 -13.20 -3.56
CA GLU A 386 11.30 -13.17 -3.04
C GLU A 386 12.34 -13.44 -4.11
N GLY A 387 11.93 -13.94 -5.29
CA GLY A 387 12.87 -14.04 -6.38
C GLY A 387 13.09 -12.75 -7.13
N PHE A 388 12.25 -11.74 -6.89
CA PHE A 388 12.14 -10.64 -7.83
C PHE A 388 11.99 -9.29 -7.12
N TYR A 389 12.30 -8.25 -7.89
CA TYR A 389 11.92 -6.88 -7.59
C TYR A 389 10.64 -6.61 -8.36
N VAL A 390 9.56 -6.31 -7.64
CA VAL A 390 8.23 -6.24 -8.22
C VAL A 390 7.77 -4.78 -8.19
N VAL A 391 7.40 -4.26 -9.35
CA VAL A 391 7.02 -2.86 -9.49
C VAL A 391 5.51 -2.80 -9.67
N PHE A 392 4.82 -2.21 -8.70
CA PHE A 392 3.39 -1.99 -8.78
C PHE A 392 3.18 -0.60 -9.40
N ASP A 393 3.16 -0.57 -10.72
CA ASP A 393 3.04 0.67 -11.48
C ASP A 393 1.56 0.97 -11.65
N ARG A 394 0.98 1.65 -10.65
CA ARG A 394 -0.44 1.95 -10.70
C ARG A 394 -0.77 2.99 -11.76
N ALA A 395 0.17 3.91 -12.04
CA ALA A 395 -0.08 4.95 -13.04
C ALA A 395 -0.32 4.35 -14.42
N ARG A 396 0.45 3.32 -14.78
CA ARG A 396 0.34 2.68 -16.08
C ARG A 396 -0.33 1.31 -16.00
N LYS A 397 -1.02 1.01 -14.90
CA LYS A 397 -1.86 -0.18 -14.77
C LYS A 397 -1.13 -1.44 -15.21
N ARG A 398 0.05 -1.65 -14.62
CA ARG A 398 0.89 -2.78 -14.97
C ARG A 398 1.74 -3.14 -13.77
N ILE A 399 2.26 -4.38 -13.78
CA ILE A 399 3.12 -4.88 -12.72
C ILE A 399 4.42 -5.38 -13.35
N GLY A 400 5.55 -4.82 -12.92
CA GLY A 400 6.84 -5.20 -13.46
C GLY A 400 7.57 -6.20 -12.59
N PHE A 401 8.33 -7.07 -13.23
CA PHE A 401 9.14 -8.08 -12.57
C PHE A 401 10.57 -8.00 -13.10
N ALA A 402 11.53 -8.16 -12.20
CA ALA A 402 12.93 -8.22 -12.58
C ALA A 402 13.65 -9.07 -11.55
N VAL A 403 14.77 -9.66 -11.98
CA VAL A 403 15.57 -10.49 -11.09
C VAL A 403 16.02 -9.65 -9.91
N SER A 404 15.64 -10.06 -8.71
CA SER A 404 16.01 -9.32 -7.52
C SER A 404 17.51 -9.43 -7.26
N ALA A 405 18.13 -8.30 -6.91
CA ALA A 405 19.55 -8.30 -6.58
C ALA A 405 19.86 -8.93 -5.22
N CYS A 406 18.87 -9.26 -4.41
CA CYS A 406 19.13 -9.84 -3.10
C CYS A 406 18.60 -11.26 -2.95
N HIS A 407 18.14 -11.88 -4.02
CA HIS A 407 17.43 -13.14 -3.89
C HIS A 407 18.40 -14.28 -3.58
N VAL A 408 17.91 -15.26 -2.82
CA VAL A 408 18.71 -16.39 -2.39
C VAL A 408 18.89 -17.36 -3.55
N HIS A 409 20.13 -17.75 -3.82
CA HIS A 409 20.40 -18.76 -4.83
C HIS A 409 21.77 -19.38 -4.55
N ASP A 410 22.18 -20.28 -5.43
CA ASP A 410 23.45 -20.98 -5.32
C ASP A 410 24.35 -20.61 -6.49
N GLU A 411 25.54 -21.22 -6.52
CA GLU A 411 26.56 -20.82 -7.49
C GLU A 411 26.14 -21.11 -8.92
N PHE A 412 25.21 -22.04 -9.12
CA PHE A 412 24.92 -22.55 -10.45
C PHE A 412 23.54 -22.21 -10.98
N ARG A 413 22.61 -21.79 -10.13
CA ARG A 413 21.30 -21.38 -10.60
C ARG A 413 20.92 -20.04 -9.97
N THR A 414 20.21 -19.23 -10.75
N THR A 414 20.19 -19.24 -10.75
CA THR A 414 19.63 -17.98 -10.26
CA THR A 414 19.63 -17.98 -10.30
C THR A 414 18.17 -17.91 -10.69
C THR A 414 18.18 -17.90 -10.71
N ALA A 415 17.43 -17.02 -10.04
CA ALA A 415 16.09 -16.72 -10.50
C ALA A 415 16.18 -15.91 -11.80
N ALA A 416 15.12 -15.93 -12.59
CA ALA A 416 15.22 -15.35 -13.92
C ALA A 416 13.91 -14.70 -14.34
N VAL A 417 14.05 -13.67 -15.17
CA VAL A 417 12.94 -13.04 -15.88
C VAL A 417 13.39 -12.89 -17.33
N GLU A 418 12.68 -13.57 -18.24
N GLU A 418 12.66 -13.54 -18.24
CA GLU A 418 13.09 -13.62 -19.63
CA GLU A 418 13.08 -13.63 -19.63
C GLU A 418 11.89 -13.38 -20.54
C GLU A 418 11.89 -13.41 -20.54
N GLY A 419 12.15 -12.83 -21.71
CA GLY A 419 11.14 -12.58 -22.71
C GLY A 419 11.73 -12.00 -23.98
N PRO A 420 10.90 -11.84 -25.03
CA PRO A 420 9.49 -12.16 -25.12
C PRO A 420 9.23 -13.56 -25.66
N PHE A 421 7.98 -14.01 -25.57
CA PHE A 421 7.57 -15.30 -26.12
C PHE A 421 6.26 -15.12 -26.86
N VAL A 422 6.17 -15.76 -28.03
CA VAL A 422 4.94 -15.73 -28.81
C VAL A 422 3.90 -16.60 -28.14
N THR A 423 2.93 -15.97 -27.46
CA THR A 423 1.82 -16.68 -26.85
C THR A 423 0.53 -16.11 -27.43
N LEU A 424 -0.20 -16.94 -28.15
CA LEU A 424 -1.44 -16.51 -28.78
C LEU A 424 -2.63 -16.78 -27.88
N ASP A 425 -3.72 -16.04 -28.14
CA ASP A 425 -4.98 -16.21 -27.41
C ASP A 425 -4.78 -16.10 -25.91
N MET A 426 -4.14 -15.01 -25.50
CA MET A 426 -3.86 -14.80 -24.08
C MET A 426 -5.06 -14.24 -23.33
N GLU A 427 -5.93 -13.48 -24.01
CA GLU A 427 -7.15 -13.03 -23.36
C GLU A 427 -8.06 -14.20 -22.99
N ASP A 428 -7.93 -15.32 -23.72
CA ASP A 428 -8.73 -16.50 -23.38
C ASP A 428 -8.38 -17.05 -22.01
N CYS A 429 -7.16 -16.81 -21.54
CA CYS A 429 -6.71 -17.37 -20.27
C CYS A 429 -7.42 -16.72 -19.08
N GLY A 430 -8.11 -15.61 -19.30
CA GLY A 430 -8.77 -14.93 -18.19
C GLY A 430 -10.12 -15.56 -17.91
N TYR A 431 -10.40 -15.79 -16.63
CA TYR A 431 -11.72 -16.29 -16.22
C TYR A 431 -12.69 -15.13 -16.31
N ASN A 432 -13.48 -15.10 -17.37
CA ASN A 432 -14.29 -13.95 -17.72
C ASN A 432 -15.43 -13.73 -16.73
N SER B 45 29.29 23.55 22.21
CA SER B 45 30.53 22.84 22.44
C SER B 45 30.55 21.50 21.70
N PHE B 46 31.28 21.46 20.58
CA PHE B 46 31.35 20.26 19.76
C PHE B 46 32.80 19.85 19.60
N VAL B 47 33.41 19.42 20.72
CA VAL B 47 34.86 19.27 20.80
C VAL B 47 35.37 18.20 19.83
N GLU B 48 34.55 17.18 19.55
CA GLU B 48 35.03 16.10 18.70
C GLU B 48 35.26 16.55 17.26
N MET B 49 34.59 17.63 16.84
CA MET B 49 34.70 18.10 15.46
C MET B 49 35.60 19.30 15.31
N VAL B 50 36.06 19.91 16.40
CA VAL B 50 36.98 21.04 16.28
C VAL B 50 38.28 20.54 15.68
N ASP B 51 38.81 21.32 14.73
CA ASP B 51 40.13 21.09 14.14
C ASP B 51 40.14 19.82 13.29
N ASN B 52 39.07 19.57 12.55
CA ASN B 52 38.97 18.36 11.76
C ASN B 52 39.26 18.58 10.28
N LEU B 53 39.67 19.78 9.88
CA LEU B 53 40.00 20.08 8.50
C LEU B 53 41.49 20.30 8.32
N ARG B 54 42.00 19.93 7.15
CA ARG B 54 43.40 20.11 6.79
C ARG B 54 43.49 20.49 5.31
N GLY B 55 44.69 20.83 4.88
CA GLY B 55 44.92 21.04 3.46
C GLY B 55 46.21 21.78 3.21
N LYS B 56 46.51 21.95 1.92
CA LYS B 56 47.66 22.71 1.46
C LYS B 56 47.21 24.06 0.91
N SER B 57 48.06 25.06 1.09
CA SER B 57 47.71 26.43 0.75
C SER B 57 47.35 26.56 -0.73
N GLY B 58 46.11 26.94 -1.01
CA GLY B 58 45.68 27.20 -2.36
C GLY B 58 45.22 25.98 -3.13
N GLN B 59 45.02 24.84 -2.45
CA GLN B 59 44.63 23.61 -3.12
C GLN B 59 43.35 22.98 -2.59
N GLY B 60 42.90 23.36 -1.38
CA GLY B 60 41.63 22.86 -0.88
C GLY B 60 41.64 22.36 0.55
N TYR B 61 40.58 22.67 1.30
CA TYR B 61 40.37 22.17 2.66
C TYR B 61 39.61 20.86 2.60
N TYR B 62 40.06 19.86 3.36
CA TYR B 62 39.47 18.53 3.27
C TYR B 62 39.24 17.93 4.66
N VAL B 63 38.33 16.96 4.70
CA VAL B 63 37.93 16.27 5.92
C VAL B 63 38.09 14.77 5.71
N GLU B 64 38.35 14.06 6.80
CA GLU B 64 38.47 12.61 6.74
C GLU B 64 37.09 11.97 6.73
N MET B 65 36.92 10.95 5.88
CA MET B 65 35.67 10.23 5.76
C MET B 65 35.96 8.77 5.45
N THR B 66 35.13 7.87 5.97
CA THR B 66 35.21 6.47 5.59
C THR B 66 34.03 6.11 4.69
N VAL B 67 34.31 5.28 3.68
CA VAL B 67 33.28 4.70 2.82
C VAL B 67 33.47 3.19 2.82
N GLY B 68 32.35 2.48 2.90
CA GLY B 68 32.35 1.04 2.72
C GLY B 68 32.30 0.27 4.04
N SER B 69 32.19 -1.04 3.89
CA SER B 69 32.21 -1.98 5.01
C SER B 69 33.10 -3.14 4.64
N PRO B 70 34.27 -3.31 5.28
CA PRO B 70 34.85 -2.49 6.35
C PRO B 70 35.29 -1.11 5.85
N PRO B 71 35.34 -0.12 6.75
CA PRO B 71 35.53 1.27 6.32
C PRO B 71 36.84 1.50 5.60
N GLN B 72 36.78 2.32 4.55
CA GLN B 72 37.95 2.70 3.76
C GLN B 72 38.14 4.20 3.92
N THR B 73 39.22 4.59 4.61
CA THR B 73 39.44 5.98 4.96
C THR B 73 39.90 6.78 3.74
N LEU B 74 39.40 8.01 3.62
CA LEU B 74 39.74 8.90 2.51
C LEU B 74 39.70 10.35 2.99
N ASN B 75 40.40 11.22 2.24
CA ASN B 75 40.38 12.67 2.49
C ASN B 75 39.51 13.33 1.43
N ILE B 76 38.47 14.04 1.86
CA ILE B 76 37.43 14.53 0.96
C ILE B 76 37.34 16.04 1.06
N LEU B 77 37.32 16.70 -0.11
CA LEU B 77 37.27 18.15 -0.19
C LEU B 77 35.91 18.67 0.26
N VAL B 78 35.92 19.65 1.15
CA VAL B 78 34.70 20.29 1.66
C VAL B 78 34.32 21.38 0.68
N ASP B 79 33.21 21.17 -0.05
CA ASP B 79 32.87 21.99 -1.21
C ASP B 79 31.41 22.42 -1.12
N THR B 80 31.17 23.67 -0.71
CA THR B 80 29.82 24.21 -0.68
C THR B 80 29.37 24.76 -2.03
N GLY B 81 30.15 24.55 -3.09
CA GLY B 81 29.84 24.99 -4.43
C GLY B 81 29.42 23.89 -5.38
N SER B 82 29.22 22.67 -4.90
CA SER B 82 28.71 21.58 -5.71
C SER B 82 27.87 20.68 -4.81
N SER B 83 27.28 19.65 -5.41
CA SER B 83 26.32 18.82 -4.68
C SER B 83 26.50 17.32 -4.85
N ASN B 84 27.60 16.87 -5.44
CA ASN B 84 27.85 15.45 -5.60
C ASN B 84 28.90 14.98 -4.60
N PHE B 85 28.72 13.77 -4.10
CA PHE B 85 29.72 13.07 -3.30
C PHE B 85 30.48 12.17 -4.28
N ALA B 86 31.66 12.61 -4.70
CA ALA B 86 32.41 11.95 -5.75
C ALA B 86 33.79 11.59 -5.22
N VAL B 87 34.14 10.30 -5.31
CA VAL B 87 35.41 9.81 -4.77
C VAL B 87 36.19 9.09 -5.85
N GLY B 88 37.52 9.14 -5.74
CA GLY B 88 38.37 8.35 -6.60
C GLY B 88 38.13 6.88 -6.37
N ALA B 89 37.99 6.10 -7.44
CA ALA B 89 37.66 4.69 -7.32
C ALA B 89 38.45 3.85 -8.31
N ALA B 90 39.63 4.32 -8.69
CA ALA B 90 40.46 3.72 -9.74
C ALA B 90 41.81 4.42 -9.72
N PRO B 91 42.83 3.82 -10.34
CA PRO B 91 44.19 4.39 -10.20
C PRO B 91 44.36 5.67 -11.00
N HIS B 92 45.00 6.65 -10.38
CA HIS B 92 45.38 7.91 -10.99
C HIS B 92 46.73 8.31 -10.41
N PRO B 93 47.59 8.94 -11.21
CA PRO B 93 48.91 9.34 -10.71
C PRO B 93 48.88 10.16 -9.43
N PHE B 94 47.90 11.06 -9.27
CA PHE B 94 47.84 11.94 -8.11
C PHE B 94 46.95 11.40 -7.00
N LEU B 95 46.70 10.08 -6.96
CA LEU B 95 45.83 9.48 -5.97
C LEU B 95 46.67 8.67 -4.99
N HIS B 96 46.68 9.11 -3.72
CA HIS B 96 47.42 8.42 -2.68
C HIS B 96 46.70 7.13 -2.27
N ARG B 97 45.38 7.18 -2.15
CA ARG B 97 44.55 6.02 -1.86
C ARG B 97 43.23 6.19 -2.61
N TYR B 98 42.40 5.13 -2.65
CA TYR B 98 41.17 5.23 -3.42
C TYR B 98 40.15 4.18 -2.96
N TYR B 99 38.91 4.37 -3.43
CA TYR B 99 37.76 3.57 -3.02
C TYR B 99 37.70 2.29 -3.83
N GLN B 100 37.77 1.15 -3.16
CA GLN B 100 37.76 -0.16 -3.82
C GLN B 100 36.41 -0.81 -3.54
N ARG B 101 35.49 -0.68 -4.50
CA ARG B 101 34.13 -1.14 -4.30
C ARG B 101 34.04 -2.64 -4.10
N GLN B 102 35.01 -3.40 -4.63
CA GLN B 102 34.95 -4.85 -4.48
C GLN B 102 35.23 -5.27 -3.04
N LEU B 103 35.89 -4.42 -2.26
CA LEU B 103 36.19 -4.74 -0.87
C LEU B 103 35.06 -4.39 0.09
N SER B 104 34.00 -3.74 -0.38
CA SER B 104 32.91 -3.31 0.48
C SER B 104 31.73 -4.25 0.32
N SER B 105 31.26 -4.82 1.42
CA SER B 105 30.12 -5.73 1.40
C SER B 105 28.79 -4.99 1.40
N THR B 106 28.78 -3.72 1.79
CA THR B 106 27.56 -2.93 1.78
C THR B 106 27.41 -2.10 0.50
N TYR B 107 28.28 -2.32 -0.48
CA TYR B 107 28.20 -1.57 -1.73
C TYR B 107 27.01 -2.05 -2.54
N ARG B 108 26.28 -1.10 -3.12
CA ARG B 108 25.20 -1.39 -4.07
C ARG B 108 25.42 -0.56 -5.32
N ASP B 109 25.32 -1.22 -6.47
CA ASP B 109 25.57 -0.59 -7.76
C ASP B 109 24.27 -0.06 -8.33
N LEU B 110 24.23 1.24 -8.63
CA LEU B 110 23.05 1.82 -9.26
C LEU B 110 23.02 1.60 -10.77
N ARG B 111 24.06 0.98 -11.33
CA ARG B 111 24.07 0.59 -12.74
C ARG B 111 23.82 1.78 -13.66
N LYS B 112 24.50 2.89 -13.38
CA LYS B 112 24.34 4.09 -14.18
C LYS B 112 25.61 4.93 -14.10
N GLY B 113 26.06 5.42 -15.26
CA GLY B 113 27.23 6.27 -15.31
C GLY B 113 26.87 7.75 -15.24
N VAL B 114 27.87 8.57 -14.90
CA VAL B 114 27.68 10.00 -14.75
C VAL B 114 28.90 10.71 -15.33
N TYR B 115 28.66 11.73 -16.14
CA TYR B 115 29.73 12.51 -16.77
C TYR B 115 29.60 13.96 -16.33
N VAL B 116 30.64 14.49 -15.71
CA VAL B 116 30.60 15.81 -15.10
C VAL B 116 31.76 16.63 -15.67
N PRO B 117 31.49 17.50 -16.63
CA PRO B 117 32.51 18.44 -17.10
C PRO B 117 32.45 19.77 -16.35
N TYR B 118 33.63 20.35 -16.15
CA TYR B 118 33.75 21.69 -15.61
C TYR B 118 34.39 22.59 -16.67
N THR B 119 34.67 23.83 -16.28
CA THR B 119 35.44 24.70 -17.17
C THR B 119 36.88 24.19 -17.30
N GLN B 120 37.52 23.91 -16.18
CA GLN B 120 38.86 23.33 -16.14
C GLN B 120 38.73 21.92 -15.56
N GLY B 121 38.77 20.91 -16.43
CA GLY B 121 38.77 19.54 -16.00
C GLY B 121 37.40 18.89 -16.03
N LYS B 122 37.40 17.57 -15.88
CA LYS B 122 36.20 16.76 -15.98
C LYS B 122 36.46 15.41 -15.31
N TRP B 123 35.39 14.64 -15.15
CA TRP B 123 35.51 13.25 -14.71
C TRP B 123 34.27 12.47 -15.09
N GLU B 124 34.49 11.17 -15.35
CA GLU B 124 33.43 10.19 -15.56
C GLU B 124 33.38 9.26 -14.37
N GLY B 125 32.20 8.72 -14.09
CA GLY B 125 32.06 7.86 -12.94
C GLY B 125 30.87 6.94 -13.03
N GLU B 126 30.79 6.03 -12.08
CA GLU B 126 29.69 5.07 -11.98
C GLU B 126 29.00 5.27 -10.65
N LEU B 127 27.68 5.40 -10.68
CA LEU B 127 26.91 5.71 -9.47
C LEU B 127 26.67 4.47 -8.64
N GLY B 128 26.63 4.67 -7.32
CA GLY B 128 26.33 3.61 -6.39
C GLY B 128 26.08 4.18 -5.01
N THR B 129 25.69 3.30 -4.09
CA THR B 129 25.47 3.68 -2.70
C THR B 129 26.36 2.83 -1.80
N ASP B 130 26.69 3.38 -0.64
CA ASP B 130 27.44 2.67 0.38
C ASP B 130 27.30 3.43 1.70
N LEU B 131 27.77 2.82 2.77
CA LEU B 131 27.71 3.43 4.09
C LEU B 131 28.88 4.38 4.28
N VAL B 132 28.59 5.57 4.83
CA VAL B 132 29.58 6.64 4.94
C VAL B 132 29.61 7.15 6.37
N SER B 133 30.82 7.39 6.87
CA SER B 133 31.01 7.94 8.21
C SER B 133 32.00 9.10 8.16
N ILE B 134 31.87 10.01 9.11
CA ILE B 134 32.84 11.08 9.29
C ILE B 134 33.52 10.88 10.63
N PRO B 135 34.76 10.37 10.65
CA PRO B 135 35.41 10.06 11.94
C PRO B 135 35.43 11.22 12.93
N HIS B 136 35.82 12.41 12.51
CA HIS B 136 35.75 13.58 13.40
C HIS B 136 34.48 14.38 13.10
N GLY B 137 33.37 13.67 13.11
CA GLY B 137 32.07 14.27 12.87
C GLY B 137 31.06 13.75 13.88
N PRO B 138 29.80 13.65 13.46
CA PRO B 138 28.79 13.05 14.34
C PRO B 138 28.92 11.53 14.34
N ASN B 139 28.46 10.93 15.43
CA ASN B 139 28.63 9.50 15.65
C ASN B 139 27.50 8.74 14.94
N VAL B 140 27.60 8.71 13.61
CA VAL B 140 26.55 8.14 12.77
C VAL B 140 27.19 7.48 11.55
N THR B 141 26.41 6.58 10.93
CA THR B 141 26.72 6.04 9.62
C THR B 141 25.46 6.12 8.79
N VAL B 142 25.57 6.60 7.55
CA VAL B 142 24.43 6.81 6.67
C VAL B 142 24.69 6.15 5.34
N ARG B 143 23.65 5.59 4.74
CA ARG B 143 23.72 5.15 3.36
C ARG B 143 23.58 6.36 2.44
N ALA B 144 24.51 6.53 1.52
CA ALA B 144 24.58 7.74 0.71
C ALA B 144 24.96 7.39 -0.72
N ASN B 145 24.57 8.28 -1.64
CA ASN B 145 24.98 8.14 -3.03
C ASN B 145 26.47 8.46 -3.16
N ILE B 146 27.17 7.66 -3.96
CA ILE B 146 28.60 7.84 -4.19
C ILE B 146 28.86 7.73 -5.69
N ALA B 147 29.49 8.75 -6.26
CA ALA B 147 29.94 8.70 -7.64
C ALA B 147 31.38 8.18 -7.65
N ALA B 148 31.55 6.92 -8.07
CA ALA B 148 32.86 6.29 -8.10
C ALA B 148 33.61 6.75 -9.34
N ILE B 149 34.60 7.61 -9.15
CA ILE B 149 35.32 8.21 -10.27
C ILE B 149 36.25 7.16 -10.88
N THR B 150 36.03 6.84 -12.15
CA THR B 150 36.82 5.85 -12.87
C THR B 150 37.80 6.49 -13.86
N GLU B 151 37.44 7.61 -14.47
CA GLU B 151 38.31 8.34 -15.38
C GLU B 151 38.22 9.82 -15.07
N SER B 152 39.33 10.54 -15.24
CA SER B 152 39.35 11.97 -14.94
C SER B 152 40.45 12.64 -15.73
N ASP B 153 40.40 13.97 -15.75
CA ASP B 153 41.38 14.77 -16.50
C ASP B 153 41.37 16.18 -15.92
N LYS B 154 42.53 16.64 -15.44
CA LYS B 154 42.67 17.99 -14.89
C LYS B 154 41.69 18.24 -13.75
N PHE B 155 41.33 17.17 -13.02
CA PHE B 155 40.45 17.25 -11.87
C PHE B 155 41.23 17.11 -10.56
N PHE B 156 41.88 15.98 -10.36
CA PHE B 156 42.69 15.76 -9.16
C PHE B 156 43.97 16.58 -9.25
N ILE B 157 44.25 17.38 -8.23
CA ILE B 157 45.44 18.24 -8.19
C ILE B 157 46.57 17.50 -7.49
N ASN B 158 47.77 17.67 -8.02
CA ASN B 158 48.94 17.02 -7.43
C ASN B 158 49.34 17.74 -6.13
N GLY B 159 49.53 16.94 -5.07
CA GLY B 159 49.96 17.46 -3.80
C GLY B 159 48.84 17.94 -2.88
N SER B 160 47.58 17.93 -3.35
CA SER B 160 46.49 18.46 -2.54
C SER B 160 46.06 17.46 -1.47
N ASN B 161 46.22 16.17 -1.72
CA ASN B 161 45.99 15.07 -0.79
C ASN B 161 44.51 14.82 -0.50
N TRP B 162 43.59 15.34 -1.32
CA TRP B 162 42.20 14.93 -1.24
C TRP B 162 41.88 13.99 -2.40
N GLU B 163 41.11 12.95 -2.10
CA GLU B 163 40.83 11.88 -3.05
C GLU B 163 39.38 11.88 -3.49
N GLY B 164 38.61 12.89 -3.11
CA GLY B 164 37.22 13.03 -3.52
C GLY B 164 36.68 14.36 -3.05
N ILE B 165 35.45 14.63 -3.43
CA ILE B 165 34.80 15.91 -3.12
C ILE B 165 33.46 15.64 -2.45
N LEU B 166 33.19 16.39 -1.37
CA LEU B 166 31.91 16.33 -0.66
C LEU B 166 31.15 17.60 -1.02
N GLY B 167 30.25 17.48 -1.99
CA GLY B 167 29.42 18.61 -2.38
C GLY B 167 28.31 18.86 -1.38
N LEU B 168 28.39 19.98 -0.67
CA LEU B 168 27.45 20.27 0.41
C LEU B 168 26.28 21.15 -0.03
N ALA B 169 26.19 21.50 -1.31
CA ALA B 169 25.10 22.34 -1.79
C ALA B 169 23.88 21.48 -2.09
N TYR B 170 22.89 22.07 -2.75
CA TYR B 170 21.57 21.48 -2.83
C TYR B 170 21.40 20.65 -4.09
N ALA B 171 20.30 19.88 -4.11
CA ALA B 171 20.12 18.87 -5.15
C ALA B 171 19.96 19.47 -6.53
N GLU B 172 19.57 20.74 -6.63
CA GLU B 172 19.24 21.30 -7.94
C GLU B 172 20.44 21.30 -8.87
N ILE B 173 21.64 21.46 -8.33
CA ILE B 173 22.86 21.45 -9.16
C ILE B 173 23.58 20.11 -9.07
N ALA B 174 22.93 19.06 -8.60
CA ALA B 174 23.56 17.75 -8.58
C ALA B 174 23.61 17.17 -9.99
N ARG B 175 24.62 16.36 -10.24
N ARG B 175 24.65 16.37 -10.25
CA ARG B 175 24.76 15.66 -11.49
CA ARG B 175 24.81 15.62 -11.48
C ARG B 175 24.50 14.17 -11.28
C ARG B 175 24.47 14.15 -11.26
N PRO B 176 23.82 13.49 -12.21
CA PRO B 176 23.35 14.01 -13.50
C PRO B 176 22.11 14.91 -13.45
N ASP B 177 21.30 14.76 -12.40
CA ASP B 177 20.11 15.58 -12.25
C ASP B 177 19.78 15.66 -10.76
N ASP B 178 18.70 16.39 -10.45
CA ASP B 178 18.42 16.61 -9.03
C ASP B 178 17.77 15.41 -8.35
N SER B 179 17.56 14.29 -9.06
CA SER B 179 17.07 13.09 -8.39
C SER B 179 18.17 12.38 -7.61
N LEU B 180 19.43 12.74 -7.82
CA LEU B 180 20.54 12.14 -7.07
C LEU B 180 20.73 12.96 -5.80
N GLU B 181 20.35 12.37 -4.67
CA GLU B 181 20.27 13.14 -3.45
C GLU B 181 21.65 13.40 -2.87
N PRO B 182 21.96 14.64 -2.50
CA PRO B 182 23.28 14.93 -1.94
C PRO B 182 23.50 14.27 -0.59
N PHE B 183 24.76 14.29 -0.14
CA PHE B 183 25.13 13.59 1.09
C PHE B 183 24.43 14.20 2.30
N PHE B 184 24.52 15.51 2.45
CA PHE B 184 24.00 16.14 3.67
C PHE B 184 22.51 15.95 3.80
N ASP B 185 21.79 15.92 2.68
CA ASP B 185 20.37 15.61 2.72
C ASP B 185 20.13 14.21 3.28
N SER B 186 20.93 13.23 2.87
CA SER B 186 20.80 11.88 3.40
C SER B 186 21.15 11.84 4.87
N LEU B 187 22.23 12.53 5.25
CA LEU B 187 22.65 12.57 6.65
C LEU B 187 21.54 13.05 7.56
N VAL B 188 20.89 14.14 7.17
CA VAL B 188 19.83 14.73 8.00
C VAL B 188 18.62 13.79 8.07
N LYS B 189 18.26 13.16 6.95
CA LYS B 189 17.07 12.32 6.94
C LYS B 189 17.26 11.04 7.75
N GLN B 190 18.47 10.48 7.73
CA GLN B 190 18.71 9.19 8.37
C GLN B 190 19.17 9.30 9.82
N THR B 191 19.42 10.51 10.31
CA THR B 191 19.89 10.72 11.67
C THR B 191 19.08 11.82 12.33
N HIS B 192 19.41 12.10 13.59
CA HIS B 192 18.81 13.21 14.32
C HIS B 192 19.63 14.49 14.21
N VAL B 193 20.64 14.51 13.34
CA VAL B 193 21.55 15.64 13.19
C VAL B 193 20.79 16.84 12.65
N PRO B 194 20.84 18.00 13.31
CA PRO B 194 20.11 19.17 12.81
C PRO B 194 20.57 19.58 11.42
N ASN B 195 19.67 20.21 10.69
CA ASN B 195 19.91 20.58 9.29
C ASN B 195 20.73 21.87 9.23
N LEU B 196 22.01 21.72 9.57
CA LEU B 196 22.92 22.86 9.66
C LEU B 196 24.35 22.35 9.75
N PHE B 197 25.28 23.10 9.17
CA PHE B 197 26.70 22.89 9.41
C PHE B 197 27.39 24.24 9.34
N SER B 198 28.61 24.30 9.87
CA SER B 198 29.34 25.56 9.92
C SER B 198 30.82 25.31 9.64
N LEU B 199 31.47 26.27 8.99
CA LEU B 199 32.84 26.14 8.53
C LEU B 199 33.70 27.24 9.13
N GLN B 200 34.80 26.86 9.77
CA GLN B 200 35.87 27.78 10.12
C GLN B 200 37.08 27.37 9.27
N LEU B 201 37.37 28.16 8.24
CA LEU B 201 38.53 27.95 7.39
C LEU B 201 39.63 28.92 7.82
N CYS B 202 40.77 28.37 8.27
CA CYS B 202 41.78 29.20 8.90
C CYS B 202 42.87 29.65 7.91
N GLY B 203 43.55 28.70 7.29
CA GLY B 203 44.52 29.05 6.27
C GLY B 203 45.83 29.58 6.83
N ALA B 204 46.93 29.10 6.24
CA ALA B 204 48.28 29.39 6.71
C ALA B 204 48.50 28.85 8.12
N SER B 216 50.44 24.73 5.49
CA SER B 216 49.50 23.68 5.84
C SER B 216 48.29 24.25 6.56
N VAL B 217 47.17 24.37 5.82
CA VAL B 217 45.99 25.03 6.36
C VAL B 217 45.20 24.08 7.24
N GLY B 218 44.23 24.63 7.96
CA GLY B 218 43.40 23.84 8.85
C GLY B 218 42.07 24.53 9.06
N GLY B 219 41.24 23.92 9.91
CA GLY B 219 39.96 24.50 10.23
C GLY B 219 39.03 23.47 10.85
N SER B 220 37.74 23.83 10.87
CA SER B 220 36.70 23.03 11.53
C SER B 220 35.45 22.98 10.67
N MET B 221 34.87 21.78 10.54
CA MET B 221 33.52 21.61 9.99
C MET B 221 32.66 21.03 11.10
N ILE B 222 31.81 21.86 11.70
CA ILE B 222 30.92 21.43 12.77
C ILE B 222 29.62 20.96 12.13
N ILE B 223 29.40 19.65 12.12
CA ILE B 223 28.21 19.07 11.49
C ILE B 223 27.09 19.08 12.53
N GLY B 224 26.06 19.89 12.29
CA GLY B 224 24.88 19.90 13.11
C GLY B 224 24.82 20.94 14.21
N GLY B 225 25.73 21.91 14.23
CA GLY B 225 25.71 22.88 15.29
C GLY B 225 26.69 24.01 15.07
N ILE B 226 26.82 24.83 16.12
CA ILE B 226 27.67 26.02 16.12
C ILE B 226 28.55 25.94 17.36
N ASP B 227 29.86 25.99 17.16
CA ASP B 227 30.80 25.95 18.27
C ASP B 227 31.21 27.38 18.61
N HIS B 228 30.86 27.84 19.81
N HIS B 228 30.85 27.83 19.82
CA HIS B 228 31.07 29.23 20.16
CA HIS B 228 31.07 29.22 20.21
C HIS B 228 32.54 29.56 20.43
C HIS B 228 32.55 29.56 20.37
N SER B 229 33.42 28.57 20.50
CA SER B 229 34.84 28.86 20.68
C SER B 229 35.51 29.31 19.39
N LEU B 230 34.83 29.20 18.25
CA LEU B 230 35.45 29.46 16.96
C LEU B 230 35.16 30.86 16.43
N TYR B 231 34.43 31.68 17.17
CA TYR B 231 34.10 33.02 16.71
C TYR B 231 33.97 33.99 17.88
N THR B 232 34.18 35.27 17.58
CA THR B 232 33.96 36.35 18.52
C THR B 232 32.95 37.32 17.93
N GLY B 233 32.29 38.06 18.82
CA GLY B 233 31.29 38.98 18.33
C GLY B 233 30.00 38.28 17.98
N SER B 234 29.14 39.01 17.28
CA SER B 234 27.81 38.53 16.92
C SER B 234 27.84 37.73 15.63
N LEU B 235 26.92 36.79 15.51
CA LEU B 235 26.63 36.13 14.25
C LEU B 235 25.55 36.93 13.53
N TRP B 236 25.83 37.32 12.29
CA TRP B 236 24.86 38.04 11.47
C TRP B 236 24.46 37.14 10.30
N TYR B 237 23.16 37.10 10.01
CA TYR B 237 22.61 36.17 9.04
C TYR B 237 22.06 36.91 7.83
N THR B 238 22.34 36.36 6.65
CA THR B 238 21.80 36.75 5.36
C THR B 238 20.96 35.60 4.80
N PRO B 239 19.87 35.90 4.11
CA PRO B 239 19.01 34.82 3.58
C PRO B 239 19.69 34.08 2.45
N ILE B 240 19.52 32.76 2.44
CA ILE B 240 19.76 31.98 1.23
C ILE B 240 18.65 32.29 0.26
N ARG B 241 18.99 32.96 -0.84
CA ARG B 241 17.98 33.46 -1.76
C ARG B 241 17.23 32.32 -2.44
N ARG B 242 17.96 31.31 -2.90
CA ARG B 242 17.36 30.12 -3.48
C ARG B 242 18.29 28.96 -3.16
N GLU B 243 17.70 27.79 -2.97
CA GLU B 243 18.46 26.61 -2.55
C GLU B 243 18.91 25.83 -3.79
N TRP B 244 20.02 26.26 -4.37
CA TRP B 244 20.74 25.46 -5.37
C TRP B 244 22.23 25.54 -5.05
N TYR B 245 22.87 26.60 -5.47
CA TYR B 245 24.05 27.04 -4.75
C TYR B 245 23.61 27.65 -3.42
N TYR B 246 24.59 28.05 -2.61
CA TYR B 246 24.30 28.89 -1.45
C TYR B 246 24.31 30.34 -1.93
N GLU B 247 23.21 30.73 -2.56
CA GLU B 247 23.10 32.04 -3.19
C GLU B 247 22.73 33.10 -2.17
N VAL B 248 23.42 34.24 -2.24
CA VAL B 248 23.20 35.37 -1.35
C VAL B 248 23.08 36.62 -2.21
N ILE B 249 22.80 37.75 -1.55
CA ILE B 249 22.61 39.03 -2.23
C ILE B 249 23.52 40.06 -1.58
N ILE B 250 24.42 40.63 -2.36
CA ILE B 250 25.26 41.74 -1.92
C ILE B 250 24.56 43.03 -2.28
N VAL B 251 24.47 43.94 -1.31
CA VAL B 251 23.74 45.20 -1.55
C VAL B 251 24.65 46.41 -1.63
N ARG B 252 25.92 46.30 -1.24
CA ARG B 252 26.83 47.43 -1.25
C ARG B 252 28.25 46.92 -1.12
N VAL B 253 29.19 47.55 -1.81
CA VAL B 253 30.60 47.20 -1.76
C VAL B 253 31.40 48.46 -1.45
N GLU B 254 32.36 48.34 -0.53
CA GLU B 254 33.25 49.44 -0.19
C GLU B 254 34.70 48.97 -0.27
N ILE B 255 35.58 49.90 -0.65
CA ILE B 255 37.02 49.71 -0.59
C ILE B 255 37.57 50.80 0.32
N ASN B 256 38.02 50.42 1.52
CA ASN B 256 38.48 51.37 2.53
C ASN B 256 37.43 52.43 2.81
N GLY B 257 36.17 52.01 2.86
CA GLY B 257 35.06 52.89 3.13
C GLY B 257 34.48 53.59 1.92
N GLN B 258 35.16 53.57 0.78
CA GLN B 258 34.68 54.27 -0.40
C GLN B 258 33.69 53.40 -1.16
N ASP B 259 32.50 53.93 -1.40
CA ASP B 259 31.48 53.21 -2.12
C ASP B 259 31.90 52.98 -3.57
N LEU B 260 31.84 51.73 -4.02
CA LEU B 260 32.06 51.43 -5.43
C LEU B 260 31.01 52.11 -6.30
N LYS B 261 29.83 52.38 -5.74
CA LYS B 261 28.81 53.24 -6.34
C LYS B 261 28.27 52.69 -7.65
N MET B 262 28.15 51.37 -7.75
CA MET B 262 27.50 50.74 -8.88
C MET B 262 26.07 50.38 -8.53
N ASP B 263 25.26 50.16 -9.56
CA ASP B 263 23.96 49.54 -9.35
C ASP B 263 24.16 48.20 -8.68
N CYS B 264 23.42 47.94 -7.60
CA CYS B 264 23.71 46.74 -6.82
C CYS B 264 23.36 45.45 -7.55
N LYS B 265 22.62 45.53 -8.66
CA LYS B 265 22.45 44.34 -9.49
C LYS B 265 23.79 43.86 -10.04
N GLU B 266 24.70 44.79 -10.33
CA GLU B 266 25.99 44.43 -10.89
C GLU B 266 26.78 43.54 -9.94
N TYR B 267 26.62 43.73 -8.64
CA TYR B 267 27.30 42.88 -7.66
C TYR B 267 26.78 41.45 -7.69
N ASN B 268 25.58 41.22 -8.20
CA ASN B 268 24.96 39.89 -8.18
C ASN B 268 24.53 39.45 -9.58
N TYR B 269 25.29 39.85 -10.59
CA TYR B 269 25.03 39.48 -11.97
C TYR B 269 26.00 38.36 -12.35
N ASP B 270 25.48 37.15 -12.56
CA ASP B 270 24.06 36.86 -12.52
C ASP B 270 23.64 36.15 -11.23
N LYS B 271 24.59 35.97 -10.32
CA LYS B 271 24.34 35.38 -9.02
C LYS B 271 25.53 35.67 -8.12
N SER B 272 25.33 35.45 -6.82
CA SER B 272 26.38 35.56 -5.82
C SER B 272 26.29 34.36 -4.91
N ILE B 273 27.40 33.64 -4.74
CA ILE B 273 27.39 32.39 -3.99
C ILE B 273 28.55 32.35 -3.02
N VAL B 274 28.41 31.48 -2.02
CA VAL B 274 29.42 31.21 -1.01
C VAL B 274 30.01 29.84 -1.31
N ASP B 275 31.29 29.78 -1.66
CA ASP B 275 31.88 28.58 -2.25
C ASP B 275 33.22 28.28 -1.58
N SER B 276 33.23 27.30 -0.69
CA SER B 276 34.46 26.86 -0.05
C SER B 276 35.38 26.10 -0.99
N GLY B 277 34.93 25.82 -2.21
CA GLY B 277 35.73 25.11 -3.19
C GLY B 277 36.30 26.05 -4.23
N THR B 278 36.41 27.32 -3.87
CA THR B 278 37.04 28.33 -4.70
C THR B 278 37.97 29.14 -3.83
N THR B 279 39.19 29.36 -4.31
CA THR B 279 40.14 30.15 -3.54
C THR B 279 39.73 31.62 -3.53
N ASN B 280 39.52 32.19 -4.70
CA ASN B 280 39.50 33.63 -4.87
C ASN B 280 38.14 34.24 -4.52
N LEU B 281 38.18 35.52 -4.22
CA LEU B 281 37.00 36.37 -4.36
C LEU B 281 36.87 36.72 -5.83
N ARG B 282 35.91 36.10 -6.50
CA ARG B 282 35.68 36.34 -7.92
C ARG B 282 34.51 37.31 -8.09
N LEU B 283 34.66 38.25 -9.02
CA LEU B 283 33.72 39.35 -9.18
C LEU B 283 33.33 39.48 -10.65
N PRO B 284 32.09 39.85 -10.92
CA PRO B 284 31.68 40.10 -12.32
C PRO B 284 32.53 41.19 -12.95
N LYS B 285 32.78 41.04 -14.26
CA LYS B 285 33.66 41.89 -15.04
C LYS B 285 33.59 43.36 -14.65
N LYS B 286 32.38 43.93 -14.67
CA LYS B 286 32.23 45.35 -14.38
C LYS B 286 32.59 45.69 -12.94
N VAL B 287 32.35 44.76 -12.01
CA VAL B 287 32.68 45.01 -10.62
C VAL B 287 34.17 44.80 -10.37
N PHE B 288 34.76 43.79 -11.01
CA PHE B 288 36.19 43.54 -10.84
C PHE B 288 37.02 44.73 -11.33
N GLU B 289 36.62 45.32 -12.45
CA GLU B 289 37.41 46.44 -12.99
C GLU B 289 37.23 47.70 -12.17
N ALA B 290 36.02 47.95 -11.67
CA ALA B 290 35.83 49.07 -10.74
C ALA B 290 36.57 48.84 -9.43
N ALA B 291 36.62 47.59 -8.96
CA ALA B 291 37.27 47.31 -7.68
C ALA B 291 38.77 47.39 -7.81
N VAL B 292 39.33 46.86 -8.90
CA VAL B 292 40.78 46.89 -9.09
C VAL B 292 41.26 48.34 -9.20
N LYS B 293 40.54 49.16 -9.96
CA LYS B 293 40.89 50.57 -10.04
C LYS B 293 40.93 51.21 -8.66
N SER B 294 39.96 50.86 -7.80
CA SER B 294 39.91 51.45 -6.46
C SER B 294 41.02 50.90 -5.57
N ILE B 295 41.29 49.60 -5.66
CA ILE B 295 42.37 49.01 -4.86
C ILE B 295 43.72 49.56 -5.30
N LYS B 296 43.88 49.81 -6.61
CA LYS B 296 45.11 50.42 -7.09
C LYS B 296 45.30 51.82 -6.50
N ALA B 297 44.26 52.65 -6.57
CA ALA B 297 44.37 54.01 -6.05
C ALA B 297 44.70 54.02 -4.56
N ALA B 298 44.11 53.09 -3.80
CA ALA B 298 44.34 53.08 -2.36
C ALA B 298 45.74 52.62 -2.00
N SER B 299 46.36 51.80 -2.85
CA SER B 299 47.68 51.24 -2.57
C SER B 299 48.79 51.93 -3.35
N SER B 300 48.55 53.15 -3.82
CA SER B 300 49.41 53.73 -4.85
C SER B 300 50.76 54.19 -4.34
N THR B 301 51.07 54.06 -3.05
CA THR B 301 52.42 54.42 -2.63
C THR B 301 53.45 53.38 -3.08
N GLU B 302 53.00 52.23 -3.54
CA GLU B 302 53.85 51.23 -4.19
C GLU B 302 53.16 50.79 -5.47
N LYS B 303 53.91 50.76 -6.57
CA LYS B 303 53.37 50.37 -7.87
C LYS B 303 53.75 48.93 -8.18
N PHE B 304 52.85 48.21 -8.82
CA PHE B 304 53.02 46.82 -9.18
C PHE B 304 52.64 46.62 -10.64
N PRO B 305 53.22 45.61 -11.31
CA PRO B 305 52.93 45.40 -12.72
C PRO B 305 51.50 44.94 -12.94
N ASP B 306 51.03 45.08 -14.19
CA ASP B 306 49.68 44.67 -14.53
C ASP B 306 49.46 43.18 -14.21
N GLY B 307 50.49 42.36 -14.42
CA GLY B 307 50.35 40.93 -14.21
C GLY B 307 50.04 40.55 -12.79
N PHE B 308 50.50 41.35 -11.82
CA PHE B 308 50.15 41.09 -10.43
C PHE B 308 48.65 41.28 -10.20
N TRP B 309 48.08 42.33 -10.78
CA TRP B 309 46.66 42.58 -10.62
C TRP B 309 45.81 41.56 -11.37
N LEU B 310 46.39 40.83 -12.32
CA LEU B 310 45.69 39.78 -13.03
C LEU B 310 45.90 38.41 -12.40
N GLY B 311 46.65 38.33 -11.31
CA GLY B 311 46.92 37.07 -10.64
C GLY B 311 47.99 36.21 -11.27
N GLU B 312 48.70 36.73 -12.28
CA GLU B 312 49.65 35.93 -13.03
C GLU B 312 51.06 36.00 -12.47
N GLN B 313 51.39 37.05 -11.71
CA GLN B 313 52.74 37.26 -11.22
C GLN B 313 52.72 37.54 -9.73
N LEU B 314 53.73 37.03 -9.03
CA LEU B 314 53.86 37.25 -7.60
C LEU B 314 54.50 38.60 -7.30
N VAL B 315 54.29 39.08 -6.08
CA VAL B 315 55.02 40.23 -5.55
C VAL B 315 55.65 39.80 -4.25
N CYS B 316 56.90 40.23 -4.03
CA CYS B 316 57.67 39.82 -2.87
C CYS B 316 58.18 41.05 -2.12
N TRP B 317 58.20 40.94 -0.80
CA TRP B 317 58.84 41.88 0.10
C TRP B 317 59.80 41.11 1.00
N GLN B 318 60.71 41.83 1.65
CA GLN B 318 61.60 41.19 2.59
C GLN B 318 60.81 40.59 3.75
N ALA B 319 61.35 39.52 4.32
CA ALA B 319 60.63 38.72 5.31
C ALA B 319 60.27 39.57 6.53
N GLY B 320 58.97 39.77 6.74
CA GLY B 320 58.44 40.55 7.83
C GLY B 320 57.96 41.94 7.42
N THR B 321 58.46 42.44 6.29
CA THR B 321 58.23 43.83 5.90
C THR B 321 56.99 44.03 5.04
N THR B 322 56.17 42.99 4.85
CA THR B 322 54.98 43.10 4.04
C THR B 322 54.16 44.32 4.47
N PRO B 323 53.94 45.28 3.56
CA PRO B 323 53.29 46.55 3.95
C PRO B 323 51.77 46.43 3.97
N TRP B 324 51.26 45.67 4.94
CA TRP B 324 49.84 45.39 5.02
C TRP B 324 49.01 46.67 4.97
N ASN B 325 49.50 47.72 5.64
CA ASN B 325 48.67 48.90 5.88
C ASN B 325 48.41 49.75 4.63
N ILE B 326 49.15 49.54 3.55
CA ILE B 326 48.91 50.35 2.35
C ILE B 326 47.84 49.76 1.46
N PHE B 327 47.48 48.51 1.67
CA PHE B 327 46.38 47.89 0.95
C PHE B 327 45.06 48.12 1.69
N PRO B 328 43.97 48.32 0.96
CA PRO B 328 42.69 48.63 1.60
C PRO B 328 41.99 47.39 2.11
N VAL B 329 41.09 47.62 3.06
CA VAL B 329 40.13 46.59 3.46
C VAL B 329 38.99 46.59 2.46
N ILE B 330 38.33 45.44 2.34
CA ILE B 330 37.24 45.27 1.39
C ILE B 330 36.00 44.85 2.16
N SER B 331 34.88 45.49 1.86
CA SER B 331 33.64 45.30 2.61
C SER B 331 32.50 44.93 1.68
N LEU B 332 31.84 43.82 1.99
CA LEU B 332 30.61 43.42 1.32
C LEU B 332 29.45 43.60 2.29
N TYR B 333 28.44 44.35 1.86
CA TYR B 333 27.18 44.46 2.60
C TYR B 333 26.23 43.37 2.10
N LEU B 334 25.74 42.55 3.01
CA LEU B 334 24.81 41.48 2.69
C LEU B 334 23.42 41.80 3.21
N MET B 335 22.40 41.37 2.46
CA MET B 335 21.02 41.52 2.89
C MET B 335 20.81 40.86 4.24
N GLY B 336 20.21 41.61 5.17
CA GLY B 336 19.95 41.09 6.49
C GLY B 336 18.62 40.35 6.55
N GLU B 337 18.33 39.80 7.74
CA GLU B 337 17.10 39.06 7.92
C GLU B 337 15.90 39.99 8.15
N VAL B 338 16.14 41.21 8.60
CA VAL B 338 15.07 42.17 8.87
C VAL B 338 14.91 43.07 7.65
N THR B 339 13.66 43.49 7.40
CA THR B 339 13.37 44.39 6.29
C THR B 339 14.22 45.66 6.39
N ASN B 340 14.80 46.05 5.26
CA ASN B 340 15.59 47.27 5.14
C ASN B 340 16.79 47.30 6.09
N GLN B 341 17.29 46.13 6.48
CA GLN B 341 18.49 46.02 7.30
C GLN B 341 19.53 45.17 6.58
N SER B 342 20.77 45.67 6.53
CA SER B 342 21.89 44.92 6.00
C SER B 342 22.99 44.88 7.04
N PHE B 343 23.96 43.99 6.83
CA PHE B 343 25.18 43.96 7.62
C PHE B 343 26.38 43.88 6.69
N ARG B 344 27.56 44.08 7.27
CA ARG B 344 28.80 44.29 6.52
C ARG B 344 29.87 43.31 6.99
N ILE B 345 30.52 42.65 6.04
CA ILE B 345 31.68 41.81 6.32
C ILE B 345 32.90 42.45 5.66
N THR B 346 34.00 42.51 6.40
CA THR B 346 35.19 43.22 5.98
C THR B 346 36.39 42.30 6.07
N ILE B 347 37.13 42.16 4.96
CA ILE B 347 38.34 41.37 4.94
C ILE B 347 39.53 42.29 4.73
N LEU B 348 40.70 41.78 5.06
CA LEU B 348 41.96 42.49 5.04
C LEU B 348 42.82 42.04 3.85
N PRO B 349 43.94 42.74 3.58
CA PRO B 349 44.91 42.23 2.60
C PRO B 349 45.46 40.86 2.98
N GLN B 350 45.40 40.54 4.27
CA GLN B 350 45.85 39.22 4.70
C GLN B 350 44.98 38.10 4.16
N GLN B 351 43.79 38.40 3.66
CA GLN B 351 42.94 37.37 3.07
C GLN B 351 43.06 37.32 1.54
N TYR B 352 43.13 38.48 0.88
CA TYR B 352 43.14 38.48 -0.58
C TYR B 352 44.54 38.56 -1.18
N LEU B 353 45.58 38.56 -0.35
CA LEU B 353 46.96 38.35 -0.80
C LEU B 353 47.38 36.98 -0.30
N ARG B 354 47.47 36.00 -1.23
CA ARG B 354 47.73 34.60 -0.84
C ARG B 354 49.24 34.34 -0.78
N PRO B 355 49.73 33.77 0.32
CA PRO B 355 51.17 33.49 0.41
C PRO B 355 51.56 32.34 -0.48
N VAL B 356 52.67 32.51 -1.19
CA VAL B 356 53.20 31.45 -2.04
C VAL B 356 54.61 31.08 -1.60
N ASP B 364 62.36 35.84 1.24
CA ASP B 364 61.26 36.76 0.99
C ASP B 364 59.90 36.13 1.31
N ASP B 365 58.95 36.97 1.72
CA ASP B 365 57.54 36.60 1.77
C ASP B 365 56.88 37.07 0.48
N CYS B 366 56.32 36.14 -0.29
CA CYS B 366 55.76 36.43 -1.60
C CYS B 366 54.28 36.10 -1.62
N TYR B 367 53.53 36.80 -2.47
CA TYR B 367 52.08 36.76 -2.45
C TYR B 367 51.49 36.86 -3.84
N LYS B 368 50.26 36.35 -3.99
CA LYS B 368 49.50 36.43 -5.23
C LYS B 368 48.17 37.14 -4.95
N PHE B 369 47.77 38.00 -5.88
CA PHE B 369 46.50 38.72 -5.76
C PHE B 369 45.36 37.76 -6.08
N ALA B 370 44.43 37.60 -5.13
CA ALA B 370 43.39 36.57 -5.23
C ALA B 370 41.99 37.15 -5.38
N ILE B 371 41.87 38.26 -6.11
CA ILE B 371 40.59 38.78 -6.55
C ILE B 371 40.62 38.77 -8.08
N SER B 372 39.60 38.17 -8.69
CA SER B 372 39.67 37.90 -10.11
C SER B 372 38.31 38.06 -10.77
N GLN B 373 38.33 38.01 -12.10
CA GLN B 373 37.17 38.33 -12.91
C GLN B 373 36.29 37.09 -13.09
N SER B 374 35.01 37.32 -13.25
CA SER B 374 34.04 36.24 -13.39
C SER B 374 33.04 36.58 -14.49
N SER B 375 32.58 35.54 -15.18
CA SER B 375 31.46 35.65 -16.10
C SER B 375 30.22 34.94 -15.58
N THR B 376 30.29 34.35 -14.38
CA THR B 376 29.20 33.58 -13.82
C THR B 376 28.83 34.08 -12.42
N GLY B 377 29.06 35.37 -12.16
CA GLY B 377 28.64 35.96 -10.91
C GLY B 377 29.74 36.02 -9.87
N THR B 378 29.36 36.58 -8.73
CA THR B 378 30.28 36.68 -7.61
C THR B 378 30.48 35.33 -6.96
N VAL B 379 31.72 34.99 -6.63
CA VAL B 379 32.05 33.81 -5.86
C VAL B 379 32.77 34.28 -4.60
N MET B 380 32.12 34.12 -3.45
CA MET B 380 32.74 34.39 -2.16
C MET B 380 33.50 33.12 -1.75
N GLY B 381 34.71 33.02 -2.26
CA GLY B 381 35.53 31.84 -2.05
C GLY B 381 36.26 31.86 -0.72
N ALA B 382 37.40 31.18 -0.64
CA ALA B 382 38.15 31.12 0.61
C ALA B 382 38.72 32.48 0.99
N VAL B 383 38.86 33.40 0.04
CA VAL B 383 39.32 34.74 0.37
C VAL B 383 38.34 35.44 1.30
N ILE B 384 37.05 35.22 1.08
CA ILE B 384 36.05 35.74 2.00
C ILE B 384 35.99 34.88 3.26
N MET B 385 35.90 33.55 3.07
CA MET B 385 35.54 32.66 4.17
C MET B 385 36.62 32.57 5.24
N GLU B 386 37.88 32.80 4.89
CA GLU B 386 38.93 32.65 5.89
C GLU B 386 38.93 33.76 6.92
N GLY B 387 38.19 34.84 6.70
CA GLY B 387 38.07 35.84 7.73
C GLY B 387 36.97 35.55 8.74
N PHE B 388 36.17 34.50 8.51
CA PHE B 388 34.91 34.38 9.20
C PHE B 388 34.58 32.93 9.54
N TYR B 389 33.80 32.79 10.60
CA TYR B 389 33.08 31.56 10.90
C TYR B 389 31.75 31.63 10.15
N VAL B 390 31.52 30.68 9.25
CA VAL B 390 30.37 30.72 8.35
C VAL B 390 29.43 29.59 8.74
N VAL B 391 28.21 29.96 9.12
CA VAL B 391 27.19 29.01 9.55
C VAL B 391 26.22 28.81 8.38
N PHE B 392 26.13 27.59 7.89
CA PHE B 392 25.22 27.25 6.79
C PHE B 392 23.94 26.70 7.42
N ASP B 393 23.03 27.62 7.73
CA ASP B 393 21.80 27.30 8.46
C ASP B 393 20.71 26.91 7.46
N ARG B 394 20.80 25.67 6.98
CA ARG B 394 19.84 25.20 5.99
C ARG B 394 18.42 25.12 6.55
N ALA B 395 18.28 24.80 7.84
CA ALA B 395 16.95 24.68 8.43
C ALA B 395 16.20 26.01 8.37
N ARG B 396 16.90 27.12 8.55
CA ARG B 396 16.27 28.44 8.51
C ARG B 396 16.63 29.22 7.27
N LYS B 397 17.22 28.56 6.26
CA LYS B 397 17.43 29.15 4.93
C LYS B 397 18.24 30.44 5.02
N ARG B 398 19.35 30.38 5.74
CA ARG B 398 20.16 31.57 5.99
C ARG B 398 21.62 31.16 6.19
N ILE B 399 22.50 32.15 6.03
CA ILE B 399 23.94 31.97 6.18
C ILE B 399 24.46 33.01 7.18
N GLY B 400 25.11 32.54 8.24
CA GLY B 400 25.63 33.42 9.29
C GLY B 400 27.08 33.64 9.16
N PHE B 401 27.52 34.88 9.49
CA PHE B 401 28.91 35.30 9.43
C PHE B 401 29.32 35.90 10.77
N ALA B 402 30.50 35.52 11.24
CA ALA B 402 31.08 36.13 12.44
C ALA B 402 32.59 36.12 12.31
N VAL B 403 33.23 36.97 13.10
CA VAL B 403 34.69 37.09 13.07
C VAL B 403 35.29 35.80 13.59
N SER B 404 36.23 35.26 12.83
CA SER B 404 36.88 34.01 13.22
C SER B 404 38.03 34.29 14.18
N ALA B 405 38.23 33.37 15.11
CA ALA B 405 39.33 33.50 16.06
C ALA B 405 40.67 33.14 15.42
N CYS B 406 40.67 32.33 14.37
CA CYS B 406 41.92 31.87 13.78
C CYS B 406 42.34 32.69 12.56
N HIS B 407 41.57 33.69 12.17
CA HIS B 407 41.84 34.37 10.93
C HIS B 407 43.07 35.28 11.05
N VAL B 408 43.77 35.47 9.93
CA VAL B 408 45.05 36.17 9.94
C VAL B 408 44.81 37.67 9.94
N HIS B 409 45.56 38.38 10.78
CA HIS B 409 45.43 39.83 10.89
C HIS B 409 46.71 40.35 11.52
N ASP B 410 46.88 41.66 11.48
CA ASP B 410 47.99 42.28 12.18
C ASP B 410 47.46 42.99 13.43
N GLU B 411 48.37 43.64 14.15
CA GLU B 411 47.99 44.21 15.43
C GLU B 411 47.04 45.40 15.26
N PHE B 412 47.10 46.08 14.12
CA PHE B 412 46.36 47.33 13.97
C PHE B 412 45.03 47.15 13.26
N ARG B 413 44.84 46.07 12.50
CA ARG B 413 43.58 45.81 11.83
C ARG B 413 43.12 44.39 12.11
N THR B 414 41.81 44.18 11.99
CA THR B 414 41.23 42.85 12.06
C THR B 414 40.06 42.79 11.07
N ALA B 415 39.64 41.57 10.77
CA ALA B 415 38.43 41.39 9.97
C ALA B 415 37.20 41.61 10.84
N ALA B 416 36.10 42.01 10.20
CA ALA B 416 34.97 42.55 10.94
C ALA B 416 33.64 42.10 10.37
N VAL B 417 32.67 41.94 11.27
CA VAL B 417 31.26 41.75 10.93
C VAL B 417 30.49 42.73 11.80
N GLU B 418 29.81 43.68 11.16
N GLU B 418 29.82 43.69 11.18
CA GLU B 418 29.15 44.77 11.88
CA GLU B 418 29.16 44.76 11.89
C GLU B 418 27.79 45.05 11.27
C GLU B 418 27.78 45.02 11.28
N GLY B 419 26.89 45.57 12.11
CA GLY B 419 25.55 45.89 11.67
C GLY B 419 24.70 46.39 12.83
N PRO B 420 23.46 46.81 12.54
CA PRO B 420 22.83 46.83 11.23
C PRO B 420 23.02 48.15 10.48
N PHE B 421 22.69 48.16 9.19
CA PHE B 421 22.73 49.37 8.39
C PHE B 421 21.41 49.52 7.64
N VAL B 422 20.90 50.73 7.60
CA VAL B 422 19.65 50.99 6.89
C VAL B 422 19.93 50.94 5.39
N THR B 423 19.36 49.96 4.70
CA THR B 423 19.52 49.81 3.27
C THR B 423 18.15 49.55 2.66
N LEU B 424 17.72 50.43 1.76
CA LEU B 424 16.39 50.33 1.19
C LEU B 424 16.43 49.59 -0.15
N ASP B 425 15.30 48.95 -0.47
CA ASP B 425 15.10 48.32 -1.78
C ASP B 425 16.17 47.26 -2.07
N MET B 426 16.40 46.38 -1.08
CA MET B 426 17.48 45.41 -1.23
C MET B 426 17.11 44.29 -2.19
N GLU B 427 15.82 43.99 -2.35
CA GLU B 427 15.43 42.95 -3.29
C GLU B 427 15.74 43.34 -4.73
N ASP B 428 15.84 44.64 -5.01
CA ASP B 428 16.23 45.11 -6.32
C ASP B 428 17.69 44.80 -6.64
N CYS B 429 18.48 44.37 -5.66
CA CYS B 429 19.86 44.02 -5.91
C CYS B 429 20.01 42.63 -6.50
N GLY B 430 18.96 41.81 -6.43
CA GLY B 430 19.00 40.49 -7.02
C GLY B 430 18.70 40.53 -8.51
N TYR B 431 19.35 39.66 -9.25
CA TYR B 431 19.23 39.60 -10.69
C TYR B 431 18.34 38.43 -11.11
N ASN B 432 17.62 38.62 -12.21
CA ASN B 432 16.71 37.59 -12.70
C ASN B 432 16.63 37.57 -14.21
N THR C 43 -51.43 -33.94 17.95
CA THR C 43 -51.73 -33.32 16.67
C THR C 43 -50.87 -32.08 16.45
N GLY C 44 -50.70 -31.69 15.19
CA GLY C 44 -49.93 -30.50 14.88
C GLY C 44 -50.68 -29.54 14.00
N SER C 45 -51.71 -28.90 14.55
CA SER C 45 -52.57 -27.98 13.81
C SER C 45 -52.42 -26.58 14.42
N PHE C 46 -51.59 -25.76 13.79
CA PHE C 46 -51.38 -24.38 14.26
C PHE C 46 -52.26 -23.45 13.42
N VAL C 47 -53.57 -23.57 13.70
CA VAL C 47 -54.58 -23.07 12.79
C VAL C 47 -54.65 -21.56 12.76
N GLU C 48 -54.15 -20.89 13.81
CA GLU C 48 -54.14 -19.43 13.80
C GLU C 48 -53.10 -18.88 12.84
N MET C 49 -52.09 -19.68 12.50
CA MET C 49 -50.96 -19.19 11.72
C MET C 49 -50.95 -19.69 10.28
N VAL C 50 -51.85 -20.60 9.92
CA VAL C 50 -51.96 -21.00 8.53
C VAL C 50 -52.47 -19.83 7.71
N ASP C 51 -51.85 -19.61 6.54
CA ASP C 51 -52.26 -18.59 5.59
C ASP C 51 -52.00 -17.17 6.11
N ASN C 52 -51.01 -16.99 6.96
CA ASN C 52 -50.74 -15.65 7.48
C ASN C 52 -49.78 -14.84 6.61
N LEU C 53 -49.39 -15.36 5.46
CA LEU C 53 -48.50 -14.64 4.55
C LEU C 53 -49.24 -14.27 3.27
N ARG C 54 -48.87 -13.13 2.70
CA ARG C 54 -49.44 -12.62 1.46
C ARG C 54 -48.34 -11.97 0.64
N GLY C 55 -48.63 -11.74 -0.64
CA GLY C 55 -47.71 -11.05 -1.49
C GLY C 55 -48.28 -10.82 -2.86
N LYS C 56 -47.66 -9.88 -3.57
CA LYS C 56 -47.94 -9.66 -4.98
C LYS C 56 -46.96 -10.48 -5.83
N SER C 57 -47.25 -10.53 -7.13
CA SER C 57 -46.46 -11.35 -8.04
C SER C 57 -44.99 -10.95 -8.04
N GLY C 58 -44.15 -11.76 -7.41
CA GLY C 58 -42.71 -11.55 -7.45
C GLY C 58 -42.22 -10.33 -6.70
N GLN C 59 -42.86 -10.00 -5.57
CA GLN C 59 -42.46 -8.83 -4.80
C GLN C 59 -42.29 -9.10 -3.30
N GLY C 60 -42.42 -10.32 -2.85
CA GLY C 60 -42.06 -10.67 -1.48
C GLY C 60 -43.26 -11.05 -0.62
N TYR C 61 -43.07 -12.08 0.20
CA TYR C 61 -44.10 -12.53 1.13
C TYR C 61 -44.03 -11.71 2.42
N TYR C 62 -45.17 -11.21 2.87
CA TYR C 62 -45.22 -10.38 4.06
C TYR C 62 -46.24 -10.89 5.07
N VAL C 63 -45.97 -10.61 6.34
CA VAL C 63 -46.84 -10.97 7.45
C VAL C 63 -47.31 -9.68 8.13
N GLU C 64 -48.54 -9.72 8.64
CA GLU C 64 -49.06 -8.57 9.36
C GLU C 64 -48.46 -8.51 10.76
N MET C 65 -48.06 -7.32 11.19
CA MET C 65 -47.46 -7.12 12.50
C MET C 65 -47.92 -5.78 13.07
N THR C 66 -47.93 -5.70 14.39
CA THR C 66 -48.23 -4.46 15.10
C THR C 66 -46.99 -3.99 15.84
N VAL C 67 -46.78 -2.67 15.87
CA VAL C 67 -45.69 -2.08 16.62
C VAL C 67 -46.24 -0.91 17.43
N GLY C 68 -45.87 -0.85 18.70
CA GLY C 68 -46.18 0.31 19.52
C GLY C 68 -47.43 0.16 20.36
N SER C 69 -47.71 1.23 21.10
CA SER C 69 -48.89 1.33 21.97
C SER C 69 -49.52 2.70 21.81
N PRO C 70 -50.74 2.80 21.27
CA PRO C 70 -51.59 1.75 20.69
C PRO C 70 -50.96 1.10 19.45
N PRO C 71 -51.36 -0.13 19.13
CA PRO C 71 -50.70 -0.87 18.05
C PRO C 71 -50.90 -0.22 16.69
N GLN C 72 -49.80 -0.08 15.96
CA GLN C 72 -49.80 0.43 14.59
C GLN C 72 -49.53 -0.73 13.64
N THR C 73 -50.50 -0.99 12.76
CA THR C 73 -50.43 -2.16 11.90
C THR C 73 -49.56 -1.90 10.67
N LEU C 74 -48.63 -2.82 10.41
CA LEU C 74 -47.77 -2.76 9.24
C LEU C 74 -47.62 -4.15 8.63
N ASN C 75 -47.34 -4.18 7.32
CA ASN C 75 -47.03 -5.41 6.62
C ASN C 75 -45.51 -5.52 6.49
N ILE C 76 -44.96 -6.68 6.88
CA ILE C 76 -43.52 -6.83 7.04
C ILE C 76 -43.05 -8.03 6.23
N LEU C 77 -42.04 -7.80 5.39
CA LEU C 77 -41.46 -8.86 4.55
C LEU C 77 -40.71 -9.87 5.40
N VAL C 78 -41.09 -11.14 5.26
CA VAL C 78 -40.40 -12.23 5.95
C VAL C 78 -39.13 -12.56 5.17
N ASP C 79 -38.00 -12.59 5.86
CA ASP C 79 -36.68 -12.63 5.21
C ASP C 79 -35.73 -13.45 6.05
N THR C 80 -35.46 -14.68 5.61
CA THR C 80 -34.45 -15.50 6.29
C THR C 80 -33.03 -15.18 5.83
N GLY C 81 -32.84 -14.12 5.04
CA GLY C 81 -31.52 -13.77 4.54
C GLY C 81 -31.04 -12.43 5.06
N SER C 82 -31.67 -11.96 6.13
CA SER C 82 -31.23 -10.77 6.84
C SER C 82 -31.58 -10.96 8.32
N SER C 83 -31.21 -9.98 9.15
CA SER C 83 -31.37 -10.14 10.59
C SER C 83 -31.84 -8.88 11.31
N ASN C 84 -32.08 -7.78 10.61
CA ASN C 84 -32.64 -6.59 11.24
C ASN C 84 -34.15 -6.61 11.10
N PHE C 85 -34.83 -6.02 12.08
CA PHE C 85 -36.26 -5.74 11.99
C PHE C 85 -36.38 -4.24 11.72
N ALA C 86 -36.36 -3.87 10.45
CA ALA C 86 -36.40 -2.49 10.02
C ALA C 86 -37.76 -2.18 9.41
N VAL C 87 -38.29 -0.99 9.73
CA VAL C 87 -39.62 -0.60 9.29
C VAL C 87 -39.61 0.87 8.91
N GLY C 88 -40.48 1.22 7.96
CA GLY C 88 -40.62 2.59 7.52
C GLY C 88 -41.13 3.52 8.62
N ALA C 89 -40.35 4.55 8.95
CA ALA C 89 -40.69 5.46 10.03
C ALA C 89 -41.07 6.85 9.55
N ALA C 90 -40.63 7.25 8.37
CA ALA C 90 -40.87 8.54 7.78
C ALA C 90 -41.68 8.40 6.51
N PRO C 91 -42.26 9.48 5.98
CA PRO C 91 -43.07 9.37 4.77
C PRO C 91 -42.23 9.04 3.55
N HIS C 92 -42.89 8.39 2.57
CA HIS C 92 -42.23 7.93 1.35
C HIS C 92 -43.29 7.71 0.30
N PRO C 93 -43.03 8.08 -0.96
CA PRO C 93 -44.10 7.98 -1.99
C PRO C 93 -44.63 6.56 -2.20
N PHE C 94 -43.79 5.53 -2.08
CA PHE C 94 -44.25 4.17 -2.29
C PHE C 94 -44.86 3.53 -1.04
N LEU C 95 -44.89 4.25 0.08
CA LEU C 95 -45.41 3.73 1.33
C LEU C 95 -46.80 4.32 1.58
N HIS C 96 -47.79 3.44 1.77
CA HIS C 96 -49.13 3.94 2.09
C HIS C 96 -49.25 4.33 3.55
N ARG C 97 -48.43 3.74 4.43
CA ARG C 97 -48.45 4.02 5.85
C ARG C 97 -47.05 3.84 6.42
N TYR C 98 -46.85 4.28 7.67
CA TYR C 98 -45.52 4.20 8.27
C TYR C 98 -45.62 4.26 9.78
N TYR C 99 -44.49 3.93 10.43
CA TYR C 99 -44.40 3.79 11.88
C TYR C 99 -44.20 5.16 12.52
N GLN C 100 -45.21 5.62 13.24
CA GLN C 100 -45.15 6.94 13.89
C GLN C 100 -44.72 6.75 15.33
N ARG C 101 -43.42 6.94 15.58
CA ARG C 101 -42.89 6.73 16.93
C ARG C 101 -43.48 7.71 17.94
N GLN C 102 -43.81 8.93 17.51
CA GLN C 102 -44.35 9.90 18.45
C GLN C 102 -45.63 9.42 19.10
N LEU C 103 -46.42 8.63 18.37
CA LEU C 103 -47.70 8.17 18.89
C LEU C 103 -47.59 6.96 19.80
N SER C 104 -46.39 6.38 19.93
CA SER C 104 -46.22 5.13 20.67
C SER C 104 -45.70 5.46 22.07
N SER C 105 -46.53 5.18 23.08
CA SER C 105 -46.16 5.51 24.46
C SER C 105 -45.19 4.52 25.06
N THR C 106 -44.95 3.38 24.41
CA THR C 106 -44.01 2.39 24.92
C THR C 106 -42.68 2.43 24.21
N TYR C 107 -42.43 3.46 23.40
CA TYR C 107 -41.20 3.52 22.63
C TYR C 107 -40.04 3.94 23.51
N ARG C 108 -38.93 3.22 23.39
CA ARG C 108 -37.69 3.55 24.09
C ARG C 108 -36.61 3.81 23.06
N ASP C 109 -36.06 5.03 23.06
CA ASP C 109 -35.07 5.43 22.08
C ASP C 109 -33.68 5.04 22.57
N LEU C 110 -32.94 4.32 21.72
CA LEU C 110 -31.59 3.86 22.06
C LEU C 110 -30.51 4.84 21.61
N ARG C 111 -30.90 5.99 21.05
CA ARG C 111 -30.00 7.08 20.64
C ARG C 111 -28.77 6.57 19.88
N LYS C 112 -29.02 5.75 18.86
CA LYS C 112 -27.99 5.26 17.95
C LYS C 112 -28.45 5.47 16.51
N GLY C 113 -27.62 5.01 15.57
CA GLY C 113 -27.94 5.14 14.16
C GLY C 113 -27.46 3.94 13.39
N VAL C 114 -28.16 3.65 12.29
CA VAL C 114 -27.95 2.41 11.56
C VAL C 114 -28.04 2.72 10.06
N TYR C 115 -26.92 2.58 9.35
CA TYR C 115 -26.88 2.72 7.91
C TYR C 115 -26.63 1.34 7.31
N VAL C 116 -27.61 0.83 6.56
CA VAL C 116 -27.52 -0.51 6.01
C VAL C 116 -27.49 -0.46 4.49
N PRO C 117 -26.35 -0.70 3.86
CA PRO C 117 -26.28 -0.73 2.40
C PRO C 117 -26.37 -2.14 1.84
N TYR C 118 -26.80 -2.22 0.58
CA TYR C 118 -26.86 -3.47 -0.14
C TYR C 118 -26.22 -3.28 -1.51
N THR C 119 -26.25 -4.34 -2.32
CA THR C 119 -25.77 -4.23 -3.69
C THR C 119 -26.63 -3.26 -4.49
N GLN C 120 -27.95 -3.36 -4.35
CA GLN C 120 -28.89 -2.44 -4.97
C GLN C 120 -29.82 -1.93 -3.87
N GLY C 121 -29.71 -0.64 -3.55
CA GLY C 121 -30.59 -0.03 -2.57
C GLY C 121 -29.94 0.15 -1.21
N LYS C 122 -30.47 1.10 -0.45
CA LYS C 122 -29.94 1.41 0.87
C LYS C 122 -30.95 2.25 1.65
N TRP C 123 -30.91 2.12 2.97
CA TRP C 123 -31.74 2.92 3.86
C TRP C 123 -30.95 3.37 5.08
N GLU C 124 -31.49 4.37 5.77
CA GLU C 124 -30.91 4.92 6.99
C GLU C 124 -32.03 5.07 8.03
N GLY C 125 -31.71 4.72 9.27
CA GLY C 125 -32.71 4.81 10.32
C GLY C 125 -32.11 5.06 11.68
N GLU C 126 -32.99 5.16 12.68
CA GLU C 126 -32.61 5.35 14.08
C GLU C 126 -33.07 4.14 14.88
N LEU C 127 -32.15 3.58 15.67
CA LEU C 127 -32.42 2.35 16.41
C LEU C 127 -33.23 2.63 17.68
N GLY C 128 -33.93 1.60 18.15
CA GLY C 128 -34.73 1.68 19.36
C GLY C 128 -35.61 0.47 19.58
N THR C 129 -36.13 0.28 20.81
CA THR C 129 -36.96 -0.86 21.14
C THR C 129 -38.40 -0.42 21.39
N ASP C 130 -39.33 -1.34 21.12
CA ASP C 130 -40.75 -1.08 21.31
C ASP C 130 -41.49 -2.40 21.33
N LEU C 131 -42.75 -2.36 21.77
CA LEU C 131 -43.57 -3.56 21.87
C LEU C 131 -44.06 -3.99 20.48
N VAL C 132 -44.02 -5.29 20.22
CA VAL C 132 -44.30 -5.84 18.90
C VAL C 132 -45.10 -7.14 19.04
N SER C 133 -46.08 -7.33 18.15
CA SER C 133 -46.88 -8.55 18.13
C SER C 133 -47.12 -9.00 16.69
N ILE C 134 -47.56 -10.25 16.56
CA ILE C 134 -47.99 -10.79 15.29
C ILE C 134 -49.44 -11.25 15.44
N PRO C 135 -50.40 -10.47 14.93
CA PRO C 135 -51.82 -10.80 15.13
C PRO C 135 -52.19 -12.22 14.68
N HIS C 136 -51.63 -12.68 13.57
CA HIS C 136 -51.89 -14.04 13.15
C HIS C 136 -50.64 -14.89 13.37
N GLY C 137 -50.06 -14.77 14.56
CA GLY C 137 -48.95 -15.60 14.97
C GLY C 137 -49.27 -16.28 16.28
N PRO C 138 -48.32 -16.25 17.21
CA PRO C 138 -48.62 -16.69 18.58
C PRO C 138 -49.05 -15.50 19.43
N ASN C 139 -49.93 -15.80 20.38
CA ASN C 139 -50.61 -14.76 21.16
C ASN C 139 -49.67 -14.25 22.27
N VAL C 140 -48.64 -13.52 21.84
CA VAL C 140 -47.65 -12.98 22.77
C VAL C 140 -47.18 -11.61 22.27
N THR C 141 -46.68 -10.80 23.20
CA THR C 141 -46.09 -9.50 22.91
C THR C 141 -44.70 -9.43 23.53
N VAL C 142 -43.74 -8.92 22.78
CA VAL C 142 -42.35 -8.85 23.23
C VAL C 142 -41.75 -7.50 22.88
N ARG C 143 -40.76 -7.08 23.67
CA ARG C 143 -40.00 -5.88 23.39
C ARG C 143 -38.79 -6.26 22.55
N ALA C 144 -38.70 -5.71 21.34
CA ALA C 144 -37.65 -6.07 20.39
C ALA C 144 -37.06 -4.81 19.78
N ASN C 145 -35.91 -4.98 19.13
CA ASN C 145 -35.28 -3.85 18.46
C ASN C 145 -36.02 -3.52 17.17
N ILE C 146 -36.10 -2.22 16.86
CA ILE C 146 -36.77 -1.78 15.65
C ILE C 146 -35.94 -0.67 15.01
N ALA C 147 -35.47 -0.91 13.79
CA ALA C 147 -34.73 0.10 13.04
C ALA C 147 -35.72 0.96 12.28
N ALA C 148 -35.89 2.21 12.72
CA ALA C 148 -36.93 3.10 12.19
C ALA C 148 -36.36 3.87 11.00
N ILE C 149 -36.72 3.43 9.79
CA ILE C 149 -36.12 3.97 8.57
C ILE C 149 -36.59 5.40 8.36
N THR C 150 -35.63 6.31 8.18
CA THR C 150 -35.92 7.72 7.97
C THR C 150 -35.59 8.21 6.56
N GLU C 151 -34.57 7.65 5.91
CA GLU C 151 -34.23 7.97 4.53
C GLU C 151 -33.90 6.67 3.80
N SER C 152 -34.18 6.65 2.50
CA SER C 152 -33.94 5.44 1.72
C SER C 152 -33.95 5.76 0.23
N ASP C 153 -33.18 4.97 -0.53
CA ASP C 153 -33.11 5.10 -1.98
C ASP C 153 -33.17 3.70 -2.59
N LYS C 154 -34.18 3.48 -3.44
CA LYS C 154 -34.31 2.24 -4.21
C LYS C 154 -34.40 1.01 -3.29
N PHE C 155 -35.05 1.19 -2.14
CA PHE C 155 -35.27 0.10 -1.20
C PHE C 155 -36.72 -0.35 -1.18
N PHE C 156 -37.65 0.57 -0.89
CA PHE C 156 -39.07 0.22 -0.91
C PHE C 156 -39.52 0.04 -2.35
N ILE C 157 -40.25 -1.06 -2.61
CA ILE C 157 -40.72 -1.38 -3.95
C ILE C 157 -42.11 -0.81 -4.15
N ASN C 158 -42.34 -0.21 -5.32
CA ASN C 158 -43.64 0.36 -5.63
C ASN C 158 -44.66 -0.75 -5.90
N GLY C 159 -45.76 -0.74 -5.15
CA GLY C 159 -46.80 -1.74 -5.35
C GLY C 159 -46.57 -3.06 -4.64
N SER C 160 -45.68 -3.09 -3.65
CA SER C 160 -45.39 -4.34 -2.96
C SER C 160 -46.29 -4.55 -1.75
N ASN C 161 -46.75 -3.45 -1.15
CA ASN C 161 -47.64 -3.48 0.02
C ASN C 161 -46.94 -4.01 1.26
N TRP C 162 -45.62 -3.82 1.37
CA TRP C 162 -44.94 -4.05 2.63
C TRP C 162 -44.16 -2.80 3.04
N GLU C 163 -44.17 -2.53 4.35
CA GLU C 163 -43.54 -1.35 4.91
C GLU C 163 -42.27 -1.65 5.69
N GLY C 164 -41.82 -2.90 5.70
CA GLY C 164 -40.63 -3.24 6.47
C GLY C 164 -40.20 -4.66 6.20
N ILE C 165 -39.12 -5.05 6.89
CA ILE C 165 -38.50 -6.36 6.71
C ILE C 165 -38.30 -7.00 8.08
N LEU C 166 -38.58 -8.29 8.17
CA LEU C 166 -38.36 -9.07 9.38
C LEU C 166 -37.20 -10.03 9.11
N GLY C 167 -36.05 -9.77 9.73
CA GLY C 167 -34.88 -10.61 9.56
C GLY C 167 -34.84 -11.77 10.53
N LEU C 168 -35.04 -12.98 10.03
CA LEU C 168 -35.09 -14.17 10.89
C LEU C 168 -33.74 -14.86 11.00
N ALA C 169 -32.70 -14.38 10.32
CA ALA C 169 -31.39 -14.99 10.42
C ALA C 169 -30.71 -14.53 11.71
N TYR C 170 -29.46 -14.96 11.89
CA TYR C 170 -28.81 -14.83 13.18
C TYR C 170 -28.14 -13.48 13.35
N ALA C 171 -27.65 -13.24 14.57
CA ALA C 171 -27.16 -11.92 14.95
C ALA C 171 -25.85 -11.57 14.26
N GLU C 172 -25.10 -12.58 13.83
CA GLU C 172 -23.76 -12.33 13.30
C GLU C 172 -23.80 -11.37 12.13
N ILE C 173 -24.81 -11.49 11.27
CA ILE C 173 -24.90 -10.62 10.10
C ILE C 173 -25.84 -9.43 10.32
N ALA C 174 -26.32 -9.22 11.55
CA ALA C 174 -27.13 -8.04 11.82
C ALA C 174 -26.26 -6.78 11.79
N ARG C 175 -26.85 -5.68 11.34
CA ARG C 175 -26.16 -4.41 11.24
C ARG C 175 -26.63 -3.45 12.32
N PRO C 176 -25.73 -2.65 12.92
CA PRO C 176 -24.30 -2.56 12.57
C PRO C 176 -23.41 -3.71 13.06
N ASP C 177 -23.81 -4.42 14.12
CA ASP C 177 -22.99 -5.52 14.60
C ASP C 177 -23.88 -6.52 15.34
N ASP C 178 -23.24 -7.59 15.84
CA ASP C 178 -23.99 -8.69 16.42
C ASP C 178 -24.57 -8.37 17.80
N SER C 179 -24.33 -7.16 18.33
CA SER C 179 -24.89 -6.80 19.62
C SER C 179 -26.38 -6.47 19.52
N LEU C 180 -26.88 -6.20 18.33
CA LEU C 180 -28.29 -5.92 18.09
C LEU C 180 -29.03 -7.25 17.99
N GLU C 181 -29.81 -7.56 19.03
CA GLU C 181 -30.46 -8.87 19.12
C GLU C 181 -31.56 -8.98 18.08
N PRO C 182 -31.59 -10.03 17.25
CA PRO C 182 -32.65 -10.16 16.26
C PRO C 182 -33.99 -10.46 16.91
N PHE C 183 -35.05 -10.28 16.11
CA PHE C 183 -36.42 -10.38 16.62
C PHE C 183 -36.71 -11.76 17.19
N PHE C 184 -36.28 -12.81 16.50
CA PHE C 184 -36.64 -14.16 16.93
C PHE C 184 -35.88 -14.57 18.19
N ASP C 185 -34.66 -14.08 18.36
CA ASP C 185 -33.94 -14.34 19.59
C ASP C 185 -34.62 -13.69 20.79
N SER C 186 -35.12 -12.47 20.61
CA SER C 186 -35.85 -11.81 21.69
C SER C 186 -37.18 -12.52 21.97
N LEU C 187 -37.81 -13.06 20.93
CA LEU C 187 -39.08 -13.75 21.11
C LEU C 187 -38.91 -15.02 21.92
N VAL C 188 -37.86 -15.79 21.62
CA VAL C 188 -37.60 -17.02 22.36
C VAL C 188 -37.20 -16.70 23.80
N LYS C 189 -36.38 -15.65 23.99
CA LYS C 189 -35.87 -15.36 25.33
C LYS C 189 -36.97 -14.88 26.26
N GLN C 190 -37.93 -14.13 25.74
CA GLN C 190 -38.95 -13.52 26.58
C GLN C 190 -40.21 -14.38 26.75
N THR C 191 -40.41 -15.37 25.89
CA THR C 191 -41.62 -16.18 25.93
C THR C 191 -41.26 -17.66 25.97
N HIS C 192 -42.29 -18.49 26.00
CA HIS C 192 -42.14 -19.94 25.98
C HIS C 192 -42.23 -20.53 24.58
N VAL C 193 -42.11 -19.70 23.55
CA VAL C 193 -42.22 -20.14 22.16
C VAL C 193 -41.03 -21.02 21.81
N PRO C 194 -41.24 -22.21 21.27
CA PRO C 194 -40.11 -23.07 20.92
C PRO C 194 -39.20 -22.41 19.89
N ASN C 195 -37.90 -22.73 19.99
CA ASN C 195 -36.87 -22.15 19.13
C ASN C 195 -36.93 -22.81 17.76
N LEU C 196 -37.98 -22.47 17.01
CA LEU C 196 -38.22 -23.08 15.71
C LEU C 196 -39.34 -22.34 14.97
N PHE C 197 -39.19 -22.17 13.67
CA PHE C 197 -40.28 -21.75 12.80
C PHE C 197 -40.21 -22.53 11.50
N SER C 198 -41.27 -22.43 10.71
CA SER C 198 -41.37 -23.17 9.46
C SER C 198 -42.14 -22.33 8.46
N LEU C 199 -41.80 -22.49 7.18
CA LEU C 199 -42.34 -21.67 6.12
C LEU C 199 -42.90 -22.54 5.01
N GLN C 200 -44.13 -22.23 4.59
CA GLN C 200 -44.72 -22.81 3.38
C GLN C 200 -45.06 -21.64 2.47
N LEU C 201 -44.26 -21.46 1.41
CA LEU C 201 -44.52 -20.42 0.42
C LEU C 201 -45.17 -21.07 -0.80
N CYS C 202 -46.35 -20.58 -1.18
CA CYS C 202 -47.18 -21.29 -2.14
C CYS C 202 -47.14 -20.71 -3.55
N GLY C 203 -46.79 -19.43 -3.70
CA GLY C 203 -46.60 -18.88 -5.03
C GLY C 203 -47.88 -18.86 -5.82
N ALA C 204 -47.83 -19.38 -7.05
CA ALA C 204 -48.98 -19.40 -7.93
C ALA C 204 -49.99 -20.47 -7.49
N SER C 216 -51.30 -12.52 -7.22
CA SER C 216 -51.17 -12.64 -5.77
C SER C 216 -50.57 -13.98 -5.38
N VAL C 217 -50.03 -14.06 -4.17
CA VAL C 217 -49.46 -15.28 -3.62
C VAL C 217 -49.81 -15.35 -2.14
N GLY C 218 -49.64 -16.53 -1.55
CA GLY C 218 -49.92 -16.73 -0.14
C GLY C 218 -48.98 -17.75 0.46
N GLY C 219 -49.02 -17.84 1.78
CA GLY C 219 -48.14 -18.76 2.47
C GLY C 219 -48.39 -18.78 3.96
N SER C 220 -47.60 -19.60 4.65
CA SER C 220 -47.73 -19.81 6.09
C SER C 220 -46.39 -19.68 6.76
N MET C 221 -46.34 -18.91 7.85
CA MET C 221 -45.20 -18.89 8.76
C MET C 221 -45.70 -19.39 10.11
N ILE C 222 -45.31 -20.62 10.47
CA ILE C 222 -45.71 -21.21 11.73
C ILE C 222 -44.61 -20.91 12.73
N ILE C 223 -44.88 -19.98 13.64
CA ILE C 223 -43.92 -19.61 14.67
C ILE C 223 -44.02 -20.60 15.81
N GLY C 224 -42.94 -21.34 16.05
CA GLY C 224 -42.87 -22.25 17.16
C GLY C 224 -43.34 -23.66 16.90
N GLY C 225 -43.59 -24.04 15.65
CA GLY C 225 -44.08 -25.39 15.45
C GLY C 225 -44.00 -25.89 14.03
N ILE C 226 -44.45 -27.13 13.87
CA ILE C 226 -44.49 -27.84 12.61
C ILE C 226 -45.93 -28.27 12.37
N ASP C 227 -46.54 -27.77 11.30
CA ASP C 227 -47.94 -28.05 11.01
C ASP C 227 -48.03 -29.20 10.01
N HIS C 228 -48.73 -30.27 10.40
CA HIS C 228 -48.79 -31.50 9.63
C HIS C 228 -49.57 -31.35 8.33
N SER C 229 -50.45 -30.36 8.22
CA SER C 229 -51.26 -30.19 7.03
C SER C 229 -50.54 -29.47 5.90
N LEU C 230 -49.32 -28.98 6.15
CA LEU C 230 -48.60 -28.20 5.16
C LEU C 230 -47.61 -29.01 4.35
N TYR C 231 -47.48 -30.31 4.62
CA TYR C 231 -46.56 -31.15 3.89
C TYR C 231 -47.12 -32.57 3.75
N THR C 232 -46.54 -33.30 2.82
CA THR C 232 -46.79 -34.72 2.64
C THR C 232 -45.46 -35.47 2.71
N GLY C 233 -45.53 -36.76 3.01
CA GLY C 233 -44.31 -37.53 3.06
C GLY C 233 -43.46 -37.17 4.26
N SER C 234 -42.16 -37.43 4.13
CA SER C 234 -41.22 -37.29 5.24
C SER C 234 -40.47 -35.97 5.19
N LEU C 235 -40.15 -35.46 6.37
CA LEU C 235 -39.21 -34.35 6.50
C LEU C 235 -37.79 -34.90 6.53
N TRP C 236 -36.92 -34.31 5.72
CA TRP C 236 -35.50 -34.64 5.71
C TRP C 236 -34.71 -33.42 6.15
N TYR C 237 -33.72 -33.63 7.01
CA TYR C 237 -33.01 -32.55 7.69
C TYR C 237 -31.56 -32.47 7.24
N THR C 238 -31.15 -31.28 6.84
CA THR C 238 -29.77 -30.90 6.58
C THR C 238 -29.28 -29.99 7.69
N PRO C 239 -28.00 -30.08 8.07
CA PRO C 239 -27.53 -29.28 9.21
C PRO C 239 -27.29 -27.84 8.82
N ILE C 240 -27.47 -26.96 9.80
CA ILE C 240 -27.06 -25.56 9.67
C ILE C 240 -25.55 -25.55 9.89
N ARG C 241 -24.78 -25.42 8.81
CA ARG C 241 -23.33 -25.53 8.90
C ARG C 241 -22.76 -24.47 9.84
N ARG C 242 -23.33 -23.27 9.82
CA ARG C 242 -22.90 -22.20 10.71
C ARG C 242 -24.06 -21.22 10.88
N GLU C 243 -24.11 -20.57 12.03
CA GLU C 243 -25.26 -19.75 12.39
C GLU C 243 -24.96 -18.29 12.07
N TRP C 244 -25.28 -17.88 10.84
CA TRP C 244 -25.23 -16.47 10.46
C TRP C 244 -26.32 -16.21 9.44
N TYR C 245 -26.08 -16.58 8.18
CA TYR C 245 -27.16 -16.94 7.31
C TYR C 245 -27.61 -18.36 7.64
N TYR C 246 -28.71 -18.79 7.05
CA TYR C 246 -29.13 -20.19 7.15
C TYR C 246 -28.35 -20.97 6.10
N GLU C 247 -27.11 -21.29 6.46
CA GLU C 247 -26.16 -21.88 5.53
C GLU C 247 -26.25 -23.41 5.55
N VAL C 248 -26.16 -24.02 4.38
CA VAL C 248 -26.19 -25.46 4.22
C VAL C 248 -25.12 -25.85 3.21
N ILE C 249 -24.99 -27.16 2.98
CA ILE C 249 -23.96 -27.71 2.11
C ILE C 249 -24.65 -28.54 1.03
N ILE C 250 -24.54 -28.09 -0.22
CA ILE C 250 -25.06 -28.83 -1.36
C ILE C 250 -23.98 -29.79 -1.84
N VAL C 251 -24.31 -31.07 -1.96
CA VAL C 251 -23.30 -32.06 -2.31
C VAL C 251 -23.38 -32.53 -3.76
N ARG C 252 -24.51 -32.35 -4.44
CA ARG C 252 -24.68 -32.88 -5.78
C ARG C 252 -25.85 -32.17 -6.46
N VAL C 253 -25.78 -32.06 -7.78
CA VAL C 253 -26.82 -31.41 -8.58
C VAL C 253 -27.13 -32.28 -9.79
N GLU C 254 -28.42 -32.47 -10.08
CA GLU C 254 -28.88 -33.21 -11.25
C GLU C 254 -29.87 -32.35 -12.04
N ILE C 255 -29.81 -32.48 -13.36
CA ILE C 255 -30.80 -31.89 -14.27
C ILE C 255 -31.48 -33.04 -14.99
N ASN C 256 -32.73 -33.31 -14.63
CA ASN C 256 -33.44 -34.48 -15.16
C ASN C 256 -32.65 -35.75 -14.91
N GLY C 257 -32.06 -35.83 -13.72
CA GLY C 257 -31.25 -36.97 -13.33
C GLY C 257 -29.84 -36.98 -13.86
N GLN C 258 -29.47 -36.04 -14.73
CA GLN C 258 -28.12 -36.00 -15.30
C GLN C 258 -27.22 -35.21 -14.36
N ASP C 259 -26.22 -35.89 -13.81
CA ASP C 259 -25.24 -35.28 -12.94
C ASP C 259 -24.55 -34.10 -13.62
N LEU C 260 -24.58 -32.94 -12.96
CA LEU C 260 -23.91 -31.76 -13.51
C LEU C 260 -22.40 -31.94 -13.53
N LYS C 261 -21.86 -32.73 -12.60
CA LYS C 261 -20.51 -33.29 -12.69
C LYS C 261 -19.44 -32.21 -12.47
N MET C 262 -19.58 -31.45 -11.38
CA MET C 262 -18.54 -30.52 -10.95
C MET C 262 -18.06 -30.93 -9.56
N ASP C 263 -16.85 -30.48 -9.22
CA ASP C 263 -16.38 -30.60 -7.86
C ASP C 263 -17.40 -29.96 -6.93
N CYS C 264 -17.80 -30.70 -5.89
CA CYS C 264 -18.95 -30.25 -5.10
C CYS C 264 -18.71 -28.93 -4.41
N LYS C 265 -17.45 -28.53 -4.23
CA LYS C 265 -17.18 -27.20 -3.67
C LYS C 265 -17.71 -26.10 -4.57
N GLU C 266 -17.77 -26.34 -5.88
CA GLU C 266 -18.30 -25.34 -6.80
C GLU C 266 -19.75 -24.99 -6.45
N TYR C 267 -20.48 -25.95 -5.90
CA TYR C 267 -21.89 -25.71 -5.58
C TYR C 267 -22.07 -24.81 -4.36
N ASN C 268 -21.03 -24.66 -3.52
CA ASN C 268 -21.15 -23.92 -2.27
C ASN C 268 -20.07 -22.85 -2.15
N TYR C 269 -19.68 -22.25 -3.26
CA TYR C 269 -18.63 -21.24 -3.30
C TYR C 269 -19.28 -19.88 -3.50
N ASP C 270 -19.24 -19.03 -2.47
CA ASP C 270 -18.49 -19.29 -1.25
C ASP C 270 -19.39 -19.60 -0.05
N LYS C 271 -20.68 -19.81 -0.32
CA LYS C 271 -21.66 -20.22 0.68
C LYS C 271 -22.91 -20.70 -0.05
N SER C 272 -23.73 -21.46 0.67
CA SER C 272 -25.05 -21.88 0.20
C SER C 272 -26.04 -21.61 1.31
N ILE C 273 -27.07 -20.81 1.01
CA ILE C 273 -27.99 -20.33 2.04
C ILE C 273 -29.43 -20.51 1.58
N VAL C 274 -30.33 -20.59 2.55
CA VAL C 274 -31.77 -20.64 2.33
C VAL C 274 -32.32 -19.26 2.64
N ASP C 275 -32.90 -18.61 1.63
CA ASP C 275 -33.23 -17.18 1.72
C ASP C 275 -34.63 -16.94 1.16
N SER C 276 -35.59 -16.67 2.04
CA SER C 276 -36.93 -16.32 1.59
C SER C 276 -37.01 -14.89 1.06
N GLY C 277 -35.95 -14.09 1.21
CA GLY C 277 -35.91 -12.75 0.70
C GLY C 277 -35.41 -12.63 -0.72
N THR C 278 -35.19 -13.75 -1.41
CA THR C 278 -34.75 -13.75 -2.79
C THR C 278 -35.72 -14.58 -3.63
N THR C 279 -36.08 -14.03 -4.79
CA THR C 279 -36.95 -14.78 -5.69
C THR C 279 -36.23 -15.97 -6.30
N ASN C 280 -35.14 -15.70 -7.02
CA ASN C 280 -34.53 -16.69 -7.90
C ASN C 280 -33.79 -17.77 -7.13
N LEU C 281 -33.55 -18.89 -7.82
CA LEU C 281 -32.48 -19.81 -7.44
C LEU C 281 -31.20 -19.27 -8.06
N ARG C 282 -30.37 -18.65 -7.22
CA ARG C 282 -29.13 -18.05 -7.70
C ARG C 282 -27.98 -19.02 -7.49
N LEU C 283 -27.12 -19.13 -8.51
CA LEU C 283 -26.06 -20.10 -8.55
C LEU C 283 -24.73 -19.43 -8.86
N PRO C 284 -23.63 -19.97 -8.34
CA PRO C 284 -22.30 -19.48 -8.75
C PRO C 284 -22.14 -19.60 -10.26
N LYS C 285 -21.41 -18.63 -10.83
CA LYS C 285 -21.26 -18.45 -12.27
C LYS C 285 -20.97 -19.77 -13.00
N LYS C 286 -20.02 -20.54 -12.49
CA LYS C 286 -19.68 -21.79 -13.18
C LYS C 286 -20.79 -22.82 -13.07
N VAL C 287 -21.48 -22.86 -11.92
CA VAL C 287 -22.62 -23.76 -11.79
C VAL C 287 -23.76 -23.31 -12.67
N PHE C 288 -23.98 -21.99 -12.75
CA PHE C 288 -25.09 -21.47 -13.55
C PHE C 288 -24.91 -21.78 -15.04
N GLU C 289 -23.71 -21.53 -15.57
N GLU C 289 -23.71 -21.53 -15.57
CA GLU C 289 -23.49 -21.77 -17.00
CA GLU C 289 -23.48 -21.78 -16.98
C GLU C 289 -23.60 -23.25 -17.35
C GLU C 289 -23.63 -23.25 -17.33
N ALA C 290 -23.15 -24.13 -16.45
CA ALA C 290 -23.34 -25.56 -16.67
C ALA C 290 -24.80 -25.95 -16.50
N ALA C 291 -25.52 -25.29 -15.60
CA ALA C 291 -26.95 -25.58 -15.43
C ALA C 291 -27.75 -25.11 -16.63
N VAL C 292 -27.46 -23.90 -17.11
CA VAL C 292 -28.23 -23.34 -18.22
C VAL C 292 -27.97 -24.13 -19.50
N LYS C 293 -26.73 -24.59 -19.69
CA LYS C 293 -26.42 -25.43 -20.84
C LYS C 293 -27.24 -26.71 -20.82
N SER C 294 -27.36 -27.33 -19.65
CA SER C 294 -28.06 -28.61 -19.54
C SER C 294 -29.56 -28.43 -19.69
N ILE C 295 -30.11 -27.33 -19.19
CA ILE C 295 -31.55 -27.08 -19.30
C ILE C 295 -31.93 -26.69 -20.73
N LYS C 296 -31.08 -25.90 -21.39
CA LYS C 296 -31.26 -25.65 -22.82
C LYS C 296 -31.35 -26.95 -23.60
N ALA C 297 -30.46 -27.90 -23.30
CA ALA C 297 -30.43 -29.15 -24.05
C ALA C 297 -31.67 -30.00 -23.77
N ALA C 298 -32.13 -30.01 -22.51
CA ALA C 298 -33.31 -30.80 -22.18
C ALA C 298 -34.57 -30.23 -22.82
N SER C 299 -34.61 -28.91 -23.02
CA SER C 299 -35.80 -28.24 -23.55
C SER C 299 -35.68 -27.91 -25.02
N SER C 300 -34.83 -28.63 -25.76
CA SER C 300 -34.43 -28.18 -27.09
C SER C 300 -35.49 -28.37 -28.15
N THR C 301 -36.64 -28.98 -27.83
CA THR C 301 -37.69 -29.07 -28.85
C THR C 301 -38.30 -27.71 -29.14
N GLU C 302 -38.07 -26.73 -28.27
CA GLU C 302 -38.45 -25.34 -28.52
C GLU C 302 -37.25 -24.46 -28.23
N LYS C 303 -37.00 -23.51 -29.14
CA LYS C 303 -35.90 -22.56 -29.00
C LYS C 303 -36.44 -21.21 -28.55
N PHE C 304 -35.70 -20.55 -27.67
CA PHE C 304 -36.12 -19.27 -27.09
C PHE C 304 -35.05 -18.22 -27.34
N PRO C 305 -35.33 -16.94 -27.12
CA PRO C 305 -34.28 -15.92 -27.27
C PRO C 305 -33.22 -16.06 -26.21
N ASP C 306 -32.01 -15.59 -26.55
CA ASP C 306 -30.91 -15.59 -25.59
C ASP C 306 -31.29 -14.84 -24.32
N GLY C 307 -32.03 -13.74 -24.46
CA GLY C 307 -32.38 -12.93 -23.31
C GLY C 307 -33.33 -13.61 -22.34
N PHE C 308 -34.01 -14.66 -22.78
CA PHE C 308 -34.85 -15.42 -21.86
C PHE C 308 -34.02 -16.12 -20.79
N TRP C 309 -32.89 -16.71 -21.20
CA TRP C 309 -32.05 -17.43 -20.26
C TRP C 309 -31.27 -16.49 -19.34
N LEU C 310 -31.23 -15.20 -19.65
CA LEU C 310 -30.63 -14.21 -18.77
C LEU C 310 -31.65 -13.46 -17.93
N GLY C 311 -32.92 -13.86 -18.01
CA GLY C 311 -33.96 -13.18 -17.27
C GLY C 311 -34.39 -11.85 -17.87
N GLU C 312 -34.00 -11.57 -19.10
CA GLU C 312 -34.27 -10.27 -19.72
C GLU C 312 -35.44 -10.31 -20.68
N GLN C 313 -35.99 -11.47 -21.00
CA GLN C 313 -37.05 -11.59 -21.99
C GLN C 313 -38.09 -12.60 -21.52
N LEU C 314 -39.36 -12.29 -21.75
CA LEU C 314 -40.44 -13.19 -21.41
C LEU C 314 -40.72 -14.15 -22.56
N VAL C 315 -41.04 -15.39 -22.21
CA VAL C 315 -41.51 -16.38 -23.17
C VAL C 315 -42.98 -16.64 -22.89
N CYS C 316 -43.77 -16.74 -23.95
CA CYS C 316 -45.22 -16.83 -23.85
C CYS C 316 -45.75 -18.06 -24.57
N TRP C 317 -46.88 -18.57 -24.06
CA TRP C 317 -47.62 -19.63 -24.72
C TRP C 317 -49.11 -19.33 -24.60
N GLN C 318 -49.87 -19.82 -25.57
CA GLN C 318 -51.31 -19.68 -25.54
C GLN C 318 -51.88 -20.24 -24.25
N ALA C 319 -52.92 -19.59 -23.73
CA ALA C 319 -53.44 -19.87 -22.40
C ALA C 319 -53.70 -21.36 -22.19
N GLY C 320 -53.05 -21.91 -21.18
CA GLY C 320 -53.26 -23.31 -20.82
C GLY C 320 -52.46 -24.31 -21.62
N THR C 321 -51.55 -23.85 -22.48
CA THR C 321 -50.78 -24.76 -23.33
C THR C 321 -49.30 -24.76 -22.98
N THR C 322 -48.93 -24.27 -21.81
CA THR C 322 -47.53 -24.25 -21.41
C THR C 322 -46.96 -25.67 -21.40
N PRO C 323 -45.96 -25.97 -22.24
CA PRO C 323 -45.42 -27.35 -22.31
C PRO C 323 -44.44 -27.64 -21.20
N TRP C 324 -44.96 -27.77 -19.98
CA TRP C 324 -44.12 -28.01 -18.81
C TRP C 324 -43.20 -29.21 -19.01
N ASN C 325 -43.68 -30.22 -19.76
CA ASN C 325 -42.96 -31.49 -19.79
C ASN C 325 -41.66 -31.43 -20.58
N ILE C 326 -41.46 -30.41 -21.41
CA ILE C 326 -40.19 -30.35 -22.14
C ILE C 326 -39.07 -29.76 -21.27
N PHE C 327 -39.42 -29.06 -20.19
CA PHE C 327 -38.40 -28.54 -19.28
C PHE C 327 -38.06 -29.59 -18.22
N PRO C 328 -36.80 -29.67 -17.82
CA PRO C 328 -36.38 -30.70 -16.88
C PRO C 328 -36.70 -30.33 -15.43
N VAL C 329 -36.67 -31.36 -14.59
CA VAL C 329 -36.63 -31.12 -13.14
C VAL C 329 -35.20 -30.83 -12.72
N ILE C 330 -35.06 -30.20 -11.56
CA ILE C 330 -33.75 -29.83 -11.04
C ILE C 330 -33.66 -30.35 -9.61
N SER C 331 -32.64 -31.14 -9.33
CA SER C 331 -32.48 -31.80 -8.04
C SER C 331 -31.20 -31.31 -7.38
N LEU C 332 -31.32 -30.85 -6.14
CA LEU C 332 -30.17 -30.54 -5.29
C LEU C 332 -30.07 -31.59 -4.21
N TYR C 333 -28.88 -32.15 -4.02
CA TYR C 333 -28.61 -33.09 -2.93
C TYR C 333 -27.98 -32.31 -1.78
N LEU C 334 -28.58 -32.41 -0.59
CA LEU C 334 -28.12 -31.70 0.59
C LEU C 334 -27.56 -32.67 1.62
N MET C 335 -26.58 -32.20 2.39
CA MET C 335 -25.94 -33.04 3.39
C MET C 335 -26.93 -33.48 4.45
N GLY C 336 -26.84 -34.75 4.84
CA GLY C 336 -27.72 -35.29 5.86
C GLY C 336 -27.21 -35.05 7.26
N GLU C 337 -27.95 -35.57 8.23
CA GLU C 337 -27.55 -35.56 9.63
C GLU C 337 -26.69 -36.76 9.98
N VAL C 338 -27.01 -37.90 9.38
CA VAL C 338 -26.22 -39.12 9.55
C VAL C 338 -25.00 -39.03 8.65
N THR C 339 -23.91 -39.68 9.08
CA THR C 339 -22.67 -39.60 8.34
C THR C 339 -22.78 -40.29 6.98
N ASN C 340 -22.25 -39.62 5.96
CA ASN C 340 -22.21 -40.16 4.60
C ASN C 340 -23.60 -40.41 4.03
N GLN C 341 -24.60 -39.69 4.54
CA GLN C 341 -25.96 -39.73 4.02
C GLN C 341 -26.34 -38.35 3.50
N SER C 342 -27.04 -38.34 2.36
CA SER C 342 -27.62 -37.12 1.81
C SER C 342 -29.03 -37.44 1.33
N PHE C 343 -29.81 -36.38 1.09
CA PHE C 343 -31.15 -36.51 0.54
C PHE C 343 -31.30 -35.52 -0.61
N ARG C 344 -32.38 -35.68 -1.36
CA ARG C 344 -32.59 -35.00 -2.63
C ARG C 344 -33.86 -34.18 -2.59
N ILE C 345 -33.77 -32.91 -2.98
CA ILE C 345 -34.92 -32.05 -3.20
C ILE C 345 -35.00 -31.74 -4.68
N THR C 346 -36.20 -31.83 -5.25
CA THR C 346 -36.41 -31.73 -6.68
C THR C 346 -37.54 -30.73 -6.94
N ILE C 347 -37.26 -29.70 -7.73
CA ILE C 347 -38.28 -28.76 -8.14
C ILE C 347 -38.57 -28.94 -9.63
N LEU C 348 -39.67 -28.34 -10.06
CA LEU C 348 -40.20 -28.44 -11.40
C LEU C 348 -40.07 -27.12 -12.14
N PRO C 349 -40.28 -27.10 -13.45
CA PRO C 349 -40.36 -25.82 -14.17
C PRO C 349 -41.44 -24.90 -13.63
N GLN C 350 -42.48 -25.45 -13.01
CA GLN C 350 -43.49 -24.61 -12.38
C GLN C 350 -42.88 -23.72 -11.30
N GLN C 351 -41.76 -24.14 -10.71
CA GLN C 351 -41.09 -23.34 -9.70
C GLN C 351 -40.12 -22.33 -10.33
N TYR C 352 -39.33 -22.74 -11.30
CA TYR C 352 -38.29 -21.86 -11.82
C TYR C 352 -38.70 -21.07 -13.06
N LEU C 353 -39.83 -21.38 -13.68
CA LEU C 353 -40.42 -20.52 -14.71
C LEU C 353 -41.53 -19.71 -14.04
N ARG C 354 -41.28 -18.42 -13.81
CA ARG C 354 -42.23 -17.74 -12.93
C ARG C 354 -43.22 -16.92 -13.74
N PRO C 355 -44.50 -16.95 -13.37
CA PRO C 355 -45.52 -16.29 -14.17
C PRO C 355 -45.50 -14.78 -13.98
N VAL C 356 -45.77 -14.07 -15.07
CA VAL C 356 -45.80 -12.61 -15.09
C VAL C 356 -47.21 -12.18 -15.47
N GLU C 357 -47.94 -11.59 -14.53
CA GLU C 357 -49.25 -11.05 -14.84
C GLU C 357 -49.08 -9.81 -15.71
N ASP C 358 -49.68 -9.82 -16.90
CA ASP C 358 -49.35 -8.81 -17.89
C ASP C 358 -50.50 -8.70 -18.88
N VAL C 359 -51.19 -7.56 -18.85
CA VAL C 359 -52.31 -7.33 -19.75
C VAL C 359 -51.81 -6.98 -21.14
N SER C 362 -53.35 -11.13 -21.79
CA SER C 362 -54.76 -11.45 -21.65
C SER C 362 -55.05 -12.87 -22.15
N GLN C 363 -54.59 -13.16 -23.36
CA GLN C 363 -54.85 -14.45 -23.99
C GLN C 363 -53.69 -15.44 -23.87
N ASP C 364 -52.51 -14.98 -23.45
CA ASP C 364 -51.34 -15.83 -23.32
C ASP C 364 -50.85 -15.89 -21.89
N ASP C 365 -50.19 -17.00 -21.55
CA ASP C 365 -49.44 -17.13 -20.31
C ASP C 365 -47.97 -16.85 -20.62
N CYS C 366 -47.38 -15.91 -19.90
CA CYS C 366 -45.99 -15.52 -20.11
C CYS C 366 -45.18 -15.74 -18.84
N TYR C 367 -43.89 -16.03 -19.01
CA TYR C 367 -43.05 -16.51 -17.93
C TYR C 367 -41.65 -15.94 -18.02
N LYS C 368 -41.01 -15.80 -16.85
CA LYS C 368 -39.63 -15.34 -16.73
C LYS C 368 -38.78 -16.47 -16.15
N PHE C 369 -37.56 -16.59 -16.64
CA PHE C 369 -36.64 -17.64 -16.17
C PHE C 369 -35.95 -17.17 -14.90
N ALA C 370 -36.15 -17.91 -13.80
CA ALA C 370 -35.77 -17.45 -12.47
C ALA C 370 -34.62 -18.24 -11.86
N ILE C 371 -33.74 -18.77 -12.70
CA ILE C 371 -32.42 -19.22 -12.28
C ILE C 371 -31.41 -18.22 -12.83
N SER C 372 -30.56 -17.69 -11.97
CA SER C 372 -29.72 -16.56 -12.36
C SER C 372 -28.36 -16.68 -11.71
N GLN C 373 -27.46 -15.80 -12.15
CA GLN C 373 -26.07 -15.82 -11.72
C GLN C 373 -25.92 -15.19 -10.35
N SER C 374 -24.85 -15.61 -9.66
CA SER C 374 -24.49 -15.02 -8.38
C SER C 374 -22.98 -14.96 -8.27
N SER C 375 -22.48 -13.82 -7.80
CA SER C 375 -21.08 -13.69 -7.41
C SER C 375 -20.88 -13.86 -5.91
N THR C 376 -21.92 -14.25 -5.17
CA THR C 376 -21.84 -14.37 -3.72
C THR C 376 -22.47 -15.68 -3.23
N GLY C 377 -22.42 -16.73 -4.04
CA GLY C 377 -22.82 -18.04 -3.61
C GLY C 377 -24.23 -18.41 -4.03
N THR C 378 -24.60 -19.63 -3.66
CA THR C 378 -25.91 -20.18 -4.01
C THR C 378 -26.98 -19.58 -3.09
N VAL C 379 -28.03 -19.04 -3.69
CA VAL C 379 -29.19 -18.54 -2.95
C VAL C 379 -30.38 -19.42 -3.32
N MET C 380 -30.79 -20.28 -2.39
CA MET C 380 -32.00 -21.10 -2.56
C MET C 380 -33.20 -20.24 -2.16
N GLY C 381 -33.68 -19.46 -3.14
CA GLY C 381 -34.74 -18.51 -2.90
C GLY C 381 -36.12 -19.13 -3.00
N ALA C 382 -37.10 -18.29 -3.32
CA ALA C 382 -38.48 -18.75 -3.43
C ALA C 382 -38.62 -19.85 -4.46
N VAL C 383 -37.79 -19.81 -5.51
CA VAL C 383 -37.83 -20.84 -6.55
C VAL C 383 -37.66 -22.21 -5.94
N ILE C 384 -36.76 -22.32 -4.97
CA ILE C 384 -36.60 -23.59 -4.25
C ILE C 384 -37.67 -23.76 -3.20
N MET C 385 -37.90 -22.73 -2.37
CA MET C 385 -38.75 -22.90 -1.19
C MET C 385 -40.21 -23.13 -1.57
N GLU C 386 -40.64 -22.65 -2.73
CA GLU C 386 -42.04 -22.82 -3.11
C GLU C 386 -42.38 -24.28 -3.42
N GLY C 387 -41.38 -25.14 -3.57
CA GLY C 387 -41.71 -26.54 -3.74
C GLY C 387 -41.82 -27.33 -2.45
N PHE C 388 -41.51 -26.70 -1.31
CA PHE C 388 -41.34 -27.46 -0.08
C PHE C 388 -41.86 -26.71 1.13
N TYR C 389 -42.18 -27.48 2.16
CA TYR C 389 -42.37 -26.96 3.51
C TYR C 389 -41.02 -26.99 4.21
N VAL C 390 -40.52 -25.82 4.60
CA VAL C 390 -39.15 -25.68 5.06
C VAL C 390 -39.17 -25.40 6.56
N VAL C 391 -38.64 -26.33 7.34
CA VAL C 391 -38.63 -26.21 8.80
C VAL C 391 -37.26 -25.68 9.21
N PHE C 392 -37.24 -24.49 9.80
CA PHE C 392 -36.00 -23.87 10.27
C PHE C 392 -35.85 -24.19 11.76
N ASP C 393 -35.24 -25.34 12.03
CA ASP C 393 -35.16 -25.90 13.38
C ASP C 393 -33.92 -25.33 14.09
N ARG C 394 -34.05 -24.08 14.54
CA ARG C 394 -32.95 -23.43 15.24
C ARG C 394 -32.48 -24.24 16.44
N ALA C 395 -33.40 -24.86 17.17
CA ALA C 395 -33.06 -25.54 18.42
C ALA C 395 -32.04 -26.65 18.20
N ARG C 396 -32.27 -27.49 17.20
CA ARG C 396 -31.38 -28.61 16.91
C ARG C 396 -30.47 -28.36 15.71
N LYS C 397 -30.34 -27.10 15.29
CA LYS C 397 -29.32 -26.68 14.32
C LYS C 397 -29.46 -27.44 13.01
N ARG C 398 -30.64 -27.38 12.43
CA ARG C 398 -30.91 -28.11 11.20
C ARG C 398 -32.10 -27.48 10.47
N ILE C 399 -32.13 -27.70 9.15
CA ILE C 399 -33.23 -27.24 8.30
C ILE C 399 -33.87 -28.46 7.66
N GLY C 400 -35.20 -28.52 7.69
CA GLY C 400 -35.95 -29.67 7.21
C GLY C 400 -36.72 -29.37 5.94
N PHE C 401 -36.89 -30.40 5.12
CA PHE C 401 -37.54 -30.28 3.82
C PHE C 401 -38.56 -31.39 3.65
N ALA C 402 -39.74 -31.03 3.17
CA ALA C 402 -40.74 -32.01 2.75
C ALA C 402 -41.52 -31.42 1.60
N VAL C 403 -42.10 -32.29 0.79
CA VAL C 403 -42.96 -31.84 -0.30
C VAL C 403 -44.05 -30.95 0.25
N SER C 404 -44.19 -29.77 -0.32
CA SER C 404 -45.22 -28.85 0.12
C SER C 404 -46.58 -29.31 -0.37
N ALA C 405 -47.58 -29.20 0.52
CA ALA C 405 -48.94 -29.58 0.15
C ALA C 405 -49.61 -28.56 -0.77
N CYS C 406 -48.99 -27.41 -1.00
CA CYS C 406 -49.58 -26.37 -1.83
C CYS C 406 -48.80 -26.08 -3.10
N HIS C 407 -47.69 -26.76 -3.34
CA HIS C 407 -46.80 -26.35 -4.42
C HIS C 407 -47.46 -26.59 -5.78
N VAL C 408 -47.08 -25.75 -6.74
CA VAL C 408 -47.66 -25.80 -8.07
C VAL C 408 -47.02 -26.93 -8.87
N HIS C 409 -47.85 -27.77 -9.48
CA HIS C 409 -47.37 -28.88 -10.30
C HIS C 409 -48.46 -29.23 -11.30
N ASP C 410 -48.22 -30.28 -12.07
CA ASP C 410 -49.21 -30.79 -13.01
C ASP C 410 -49.52 -32.24 -12.67
N GLU C 411 -50.33 -32.87 -13.53
CA GLU C 411 -50.82 -34.21 -13.25
C GLU C 411 -49.70 -35.23 -13.22
N PHE C 412 -48.62 -35.00 -13.96
CA PHE C 412 -47.62 -36.03 -14.22
C PHE C 412 -46.34 -35.86 -13.42
N ARG C 413 -46.04 -34.69 -12.88
CA ARG C 413 -44.84 -34.49 -12.10
C ARG C 413 -45.16 -33.74 -10.82
N THR C 414 -44.44 -34.08 -9.76
N THR C 414 -44.40 -34.04 -9.77
CA THR C 414 -44.54 -33.37 -8.49
CA THR C 414 -44.56 -33.43 -8.47
C THR C 414 -43.14 -33.09 -7.97
C THR C 414 -43.18 -33.16 -7.88
N ALA C 415 -43.06 -32.09 -7.09
CA ALA C 415 -41.82 -31.84 -6.37
C ALA C 415 -41.54 -33.01 -5.43
N ALA C 416 -40.27 -33.25 -5.14
CA ALA C 416 -39.92 -34.48 -4.44
C ALA C 416 -38.85 -34.22 -3.40
N VAL C 417 -38.96 -34.91 -2.28
CA VAL C 417 -37.91 -35.01 -1.28
C VAL C 417 -37.69 -36.49 -1.02
N GLU C 418 -36.48 -36.97 -1.27
CA GLU C 418 -36.22 -38.41 -1.30
C GLU C 418 -34.86 -38.70 -0.66
N GLY C 419 -34.78 -39.84 0.01
CA GLY C 419 -33.56 -40.29 0.61
C GLY C 419 -33.70 -41.68 1.19
N PRO C 420 -32.59 -42.25 1.72
CA PRO C 420 -31.25 -41.66 1.77
C PRO C 420 -30.36 -42.09 0.60
N PHE C 421 -29.26 -41.36 0.40
CA PHE C 421 -28.28 -41.70 -0.62
C PHE C 421 -26.91 -41.77 0.04
N VAL C 422 -26.14 -42.79 -0.32
CA VAL C 422 -24.79 -42.97 0.20
C VAL C 422 -23.86 -42.05 -0.56
N THR C 423 -23.37 -41.00 0.10
CA THR C 423 -22.47 -40.04 -0.50
C THR C 423 -21.27 -39.82 0.41
N LEU C 424 -20.08 -39.81 -0.16
CA LEU C 424 -18.84 -39.71 0.60
C LEU C 424 -18.21 -38.33 0.43
N ASP C 425 -17.43 -37.95 1.45
CA ASP C 425 -16.65 -36.71 1.43
C ASP C 425 -17.56 -35.49 1.27
N MET C 426 -18.61 -35.45 2.10
CA MET C 426 -19.51 -34.30 2.04
C MET C 426 -18.91 -33.08 2.75
N GLU C 427 -18.15 -33.31 3.81
CA GLU C 427 -17.51 -32.19 4.50
C GLU C 427 -16.54 -31.46 3.59
N ASP C 428 -16.03 -32.14 2.55
CA ASP C 428 -15.11 -31.49 1.62
C ASP C 428 -15.81 -30.47 0.74
N CYS C 429 -17.13 -30.44 0.73
CA CYS C 429 -17.87 -29.65 -0.25
C CYS C 429 -18.11 -28.20 0.17
N GLY C 430 -17.61 -27.79 1.34
CA GLY C 430 -17.80 -26.43 1.81
C GLY C 430 -16.56 -25.58 1.59
N TYR C 431 -16.77 -24.26 1.57
CA TYR C 431 -15.69 -23.32 1.33
C TYR C 431 -14.94 -23.03 2.62
N ASN C 432 -13.65 -23.36 2.63
CA ASN C 432 -12.76 -22.99 3.72
C ASN C 432 -11.46 -22.44 3.14
C2 M7D D . 5.35 -13.69 4.49
C3 M7D D . 4.15 -13.43 5.21
C4 M7D D . 3.85 -14.15 6.37
C5 M7D D . 2.68 -13.89 7.06
C6 M7D D . 1.86 -12.90 6.55
C8 M7D D . 3.26 -12.46 4.79
C12 M7D D . -1.55 -11.52 7.01
C15 M7D D . -4.17 -10.90 7.74
C17 M7D D . -3.28 -11.36 8.69
C18 M7D D . -1.96 -11.66 8.33
C19 M7D D . -4.72 -10.23 5.32
C24 M7D D . -4.49 -12.14 3.32
C27 M7D D . -5.96 -13.58 4.25
C13 M7D D . -2.46 -11.04 6.05
C14 M7D D . -3.77 -10.74 6.41
C20 M7D D . -5.28 -8.91 5.77
C22 M7D D . -3.83 -10.87 3.12
C25 M7D D . -4.31 -13.38 2.71
C26 M7D D . -5.23 -14.27 3.30
C29 M7D D . -5.92 -11.19 5.05
C9 M7D D . 0.62 -12.61 7.28
F16 M7D D . -5.43 -10.59 8.08
N1 M7D D . 6.33 -13.91 3.91
N11 M7D D . -0.24 -11.81 6.58
N21 M7D D . -3.97 -9.99 4.07
N23 M7D D . -3.11 -10.62 1.98
N28 M7D D . -5.48 -12.30 4.24
N7 M7D D . 2.10 -12.17 5.43
O10 M7D D . 0.46 -13.09 8.38
C2 M7D E . 40.78 26.83 -1.38
C3 M7D E . 40.51 25.98 -2.49
C4 M7D E . 41.49 25.76 -3.46
C5 M7D E . 41.20 24.93 -4.55
C6 M7D E . 39.96 24.35 -4.58
C8 M7D E . 39.28 25.35 -2.62
C12 M7D E . 37.77 22.33 -6.76
C15 M7D E . 36.50 20.95 -8.81
C17 M7D E . 37.87 20.80 -8.62
C18 M7D E . 38.51 21.49 -7.58
C19 M7D E . 34.23 21.96 -8.19
C24 M7D E . 33.91 24.72 -8.47
C27 M7D E . 34.44 24.74 -10.65
C13 M7D E . 36.38 22.47 -6.96
C14 M7D E . 35.75 21.78 -7.98
C20 M7D E . 33.58 20.60 -8.07
C22 M7D E . 33.51 24.11 -7.21
C25 M7D E . 34.18 26.02 -8.81
C26 M7D E . 34.52 26.04 -10.19
C29 M7D E . 33.87 22.54 -9.58
C9 M7D E . 39.65 23.48 -5.70
F16 M7D E . 35.90 20.28 -9.81
N1 M7D E . 41.00 27.51 -0.47
N11 M7D E . 38.35 23.04 -5.70
N21 M7D E . 33.67 22.82 -7.11
N23 M7D E . 32.99 24.89 -6.21
N28 M7D E . 34.08 23.97 -9.60
N7 M7D E . 38.98 24.53 -3.65
O10 M7D E . 40.52 23.22 -6.52
C1 GOL F . 22.86 40.96 17.62
O1 GOL F . 23.43 42.22 17.34
C2 GOL F . 23.12 40.05 16.46
O2 GOL F . 23.27 38.73 16.96
C3 GOL F . 21.92 40.03 15.55
O3 GOL F . 22.21 39.18 14.46
C2 M7D G . -40.02 -13.54 -3.48
C3 M7D G . -39.42 -12.28 -3.16
C4 M7D G . -39.57 -11.19 -4.02
C5 M7D G . -38.98 -9.98 -3.69
C6 M7D G . -38.27 -9.93 -2.51
C8 M7D G . -38.69 -12.13 -2.00
C12 M7D G . -35.85 -7.86 -0.64
C15 M7D G . -34.13 -5.98 0.47
C17 M7D G . -35.18 -5.55 -0.33
C18 M7D G . -36.04 -6.49 -0.90
C19 M7D G . -32.76 -7.81 1.63
C24 M7D G . -31.50 -9.81 0.15
C27 M7D G . -30.33 -8.38 -1.14
C13 M7D G . -34.79 -8.27 0.17
C14 M7D G . -33.92 -7.33 0.74
C20 M7D G . -32.83 -7.03 2.92
C22 M7D G . -32.29 -10.21 1.30
C25 M7D G . -31.04 -10.52 -0.94
C26 M7D G . -30.30 -9.61 -1.75
C29 M7D G . -31.38 -7.52 1.00
C9 M7D G . -37.63 -8.67 -2.14
F16 M7D G . -33.30 -5.07 1.02
N1 M7D G . -40.50 -14.56 -3.73
N11 M7D G . -36.68 -8.85 -1.18
N21 M7D G . -32.86 -9.25 1.97
N23 M7D G . -32.41 -11.53 1.64
N28 M7D G . -31.05 -8.52 0.00
N7 M7D G . -38.10 -10.95 -1.64
O10 M7D G . -37.99 -7.63 -2.67
#